data_4K3S
#
_entry.id   4K3S
#
_cell.length_a   40.980
_cell.length_b   64.970
_cell.length_c   71.930
_cell.angle_alpha   73.810
_cell.angle_beta   82.460
_cell.angle_gamma   84.040
#
_symmetry.space_group_name_H-M   'P 1'
#
loop_
_entity.id
_entity.type
_entity.pdbx_description
1 polymer 'DNA polymerase III subunit beta'
2 non-polymer 'CALCIUM ION'
3 non-polymer 'TETRAETHYLENE GLYCOL'
4 non-polymer 'O-ACETALDEHYDYL-HEXAETHYLENE GLYCOL'
5 water water
#
_entity_poly.entity_id   1
_entity_poly.type   'polypeptide(L)'
_entity_poly.pdbx_seq_one_letter_code
;MKFTVEREHLLKPLQQVSGPLGGRPTLPILGNLLLQVADGTLSLTGTDLEMEMVARVALVQPHEPGATTVPARKFFDICR
GLPEGAEIAVQLEGERMLVRSGRSRFSLSTLPAADFPNLDDWQSEVEFTLPQATMKRLIEATQFSMAHQDVRYYLNGMLF
ETEGEELRTVATDGHRLAVCSMPIGQSLPSHSVIVPRKGVIELMRMLDGGDNPLRVQIGSNNIRAHVGDFIFTSKLVDGR
FPDYRRVLPKNPDKHLEAGCDLLKQAFARAAILSNEKFRGVRLYVSENQLKITANNPEQEEAEEILDVTYSGAEMEIGFN
VSYVLDVLNALKCENVRMMLTDSVSSVQIEDAASQSAAYVVMPMRL
;
_entity_poly.pdbx_strand_id   A,B
#
# COMPACT_ATOMS: atom_id res chain seq x y z
N MET A 1 -30.87 -6.13 -26.06
CA MET A 1 -30.68 -5.96 -24.61
C MET A 1 -30.58 -4.48 -24.27
N LYS A 2 -31.44 -4.04 -23.37
CA LYS A 2 -31.47 -2.65 -22.93
C LYS A 2 -31.95 -2.58 -21.49
N PHE A 3 -31.33 -1.72 -20.69
CA PHE A 3 -31.77 -1.43 -19.34
C PHE A 3 -31.29 -0.05 -18.88
N THR A 4 -31.96 0.50 -17.88
CA THR A 4 -31.49 1.69 -17.18
C THR A 4 -31.51 1.40 -15.69
N VAL A 5 -30.41 1.70 -15.00
CA VAL A 5 -30.28 1.38 -13.58
C VAL A 5 -29.46 2.46 -12.87
N GLU A 6 -29.78 2.70 -11.59
CA GLU A 6 -28.97 3.57 -10.74
C GLU A 6 -27.56 3.02 -10.59
N ARG A 7 -26.57 3.91 -10.69
CA ARG A 7 -25.18 3.55 -10.39
C ARG A 7 -25.08 2.90 -9.02
N GLU A 8 -25.86 3.43 -8.07
CA GLU A 8 -25.86 2.97 -6.70
C GLU A 8 -26.06 1.45 -6.62
N HIS A 9 -26.93 0.92 -7.46
CA HIS A 9 -27.33 -0.49 -7.39
C HIS A 9 -26.36 -1.43 -8.07
N LEU A 10 -25.45 -0.90 -8.89
CA LEU A 10 -24.47 -1.70 -9.64
C LEU A 10 -23.12 -1.84 -8.96
N LEU A 11 -22.74 -0.88 -8.13
CA LEU A 11 -21.37 -0.80 -7.61
C LEU A 11 -20.86 -2.03 -6.85
N LYS A 12 -21.60 -2.44 -5.83
CA LYS A 12 -21.23 -3.60 -5.04
C LYS A 12 -21.25 -4.86 -5.91
N PRO A 13 -22.32 -5.08 -6.70
CA PRO A 13 -22.30 -6.20 -7.64
C PRO A 13 -21.09 -6.23 -8.57
N LEU A 14 -20.73 -5.09 -9.16
CA LEU A 14 -19.55 -5.05 -10.05
C LEU A 14 -18.25 -5.38 -9.34
N GLN A 15 -18.11 -4.88 -8.13
CA GLN A 15 -16.96 -5.17 -7.26
C GLN A 15 -16.82 -6.68 -7.02
N GLN A 16 -17.93 -7.33 -6.68
CA GLN A 16 -17.93 -8.76 -6.40
C GLN A 16 -17.64 -9.65 -7.61
N VAL A 17 -18.26 -9.32 -8.74
CA VAL A 17 -18.09 -10.17 -9.94
C VAL A 17 -16.77 -9.95 -10.65
N SER A 18 -16.08 -8.84 -10.36
CA SER A 18 -14.71 -8.66 -10.81
C SER A 18 -13.72 -9.47 -9.95
N GLY A 19 -14.20 -9.98 -8.80
CA GLY A 19 -13.41 -10.83 -7.89
C GLY A 19 -12.56 -11.89 -8.58
N PRO A 20 -13.19 -12.79 -9.37
CA PRO A 20 -12.43 -13.58 -10.33
C PRO A 20 -12.11 -12.76 -11.59
N PRO A 28 -9.01 -14.37 -23.10
CA PRO A 28 -9.45 -12.98 -23.21
C PRO A 28 -10.88 -12.75 -22.71
N ILE A 29 -11.81 -13.68 -23.00
CA ILE A 29 -13.21 -13.53 -22.57
C ILE A 29 -13.38 -13.66 -21.05
N LEU A 30 -12.37 -14.24 -20.38
CA LEU A 30 -12.33 -14.30 -18.92
C LEU A 30 -12.03 -12.94 -18.28
N GLY A 31 -11.63 -11.98 -19.11
CA GLY A 31 -11.48 -10.60 -18.68
C GLY A 31 -12.78 -9.84 -18.82
N ASN A 32 -13.81 -10.50 -19.35
CA ASN A 32 -15.13 -9.91 -19.54
C ASN A 32 -16.13 -10.32 -18.49
N LEU A 33 -17.15 -9.48 -18.33
CA LEU A 33 -18.33 -9.81 -17.52
C LEU A 33 -19.47 -10.21 -18.44
N LEU A 34 -20.20 -11.25 -18.07
CA LEU A 34 -21.40 -11.63 -18.76
C LEU A 34 -22.57 -10.84 -18.20
N LEU A 35 -23.28 -10.12 -19.07
CA LEU A 35 -24.51 -9.41 -18.71
C LEU A 35 -25.75 -10.05 -19.33
N GLN A 36 -26.76 -10.32 -18.50
CA GLN A 36 -27.99 -10.95 -18.96
C GLN A 36 -29.21 -10.25 -18.39
N VAL A 37 -30.13 -9.85 -19.26
CA VAL A 37 -31.43 -9.32 -18.85
C VAL A 37 -32.52 -10.35 -19.13
N ALA A 38 -33.22 -10.75 -18.09
CA ALA A 38 -34.28 -11.76 -18.21
C ALA A 38 -35.13 -11.72 -16.95
N ASP A 39 -36.45 -11.87 -17.11
CA ASP A 39 -37.40 -11.93 -15.99
C ASP A 39 -37.19 -10.80 -14.99
N GLY A 40 -37.10 -9.58 -15.51
CA GLY A 40 -37.04 -8.38 -14.70
C GLY A 40 -35.76 -8.18 -13.90
N THR A 41 -34.70 -8.92 -14.25
CA THR A 41 -33.46 -8.92 -13.50
CA THR A 41 -33.45 -8.82 -13.50
C THR A 41 -32.26 -8.73 -14.43
N LEU A 42 -31.23 -8.03 -13.97
CA LEU A 42 -29.94 -8.00 -14.66
C LEU A 42 -29.06 -8.93 -13.84
N SER A 43 -28.42 -9.87 -14.51
CA SER A 43 -27.43 -10.75 -13.88
C SER A 43 -26.04 -10.45 -14.43
N LEU A 44 -25.05 -10.42 -13.56
CA LEU A 44 -23.67 -10.17 -13.94
C LEU A 44 -22.86 -11.35 -13.46
N THR A 45 -22.01 -11.88 -14.34
CA THR A 45 -21.19 -13.04 -14.02
C THR A 45 -19.72 -12.84 -14.41
N GLY A 46 -18.83 -13.19 -13.48
CA GLY A 46 -17.39 -13.21 -13.73
C GLY A 46 -16.84 -14.59 -13.43
N THR A 47 -15.82 -15.02 -14.18
CA THR A 47 -15.26 -16.38 -13.99
C THR A 47 -13.80 -16.46 -14.35
N ASP A 48 -13.11 -17.46 -13.81
CA ASP A 48 -11.76 -17.82 -14.25
C ASP A 48 -11.66 -19.29 -14.69
N LEU A 49 -12.80 -19.88 -15.09
CA LEU A 49 -12.92 -21.30 -15.46
C LEU A 49 -13.00 -22.27 -14.29
N GLU A 50 -12.39 -21.91 -13.16
CA GLU A 50 -12.38 -22.75 -11.96
C GLU A 50 -13.49 -22.33 -11.01
N MET A 51 -13.80 -21.04 -11.00
CA MET A 51 -14.87 -20.53 -10.16
C MET A 51 -15.64 -19.44 -10.89
N GLU A 52 -16.81 -19.12 -10.36
CA GLU A 52 -17.62 -18.03 -10.93
C GLU A 52 -18.40 -17.33 -9.82
N MET A 53 -18.63 -16.03 -10.01
CA MET A 53 -19.44 -15.23 -9.09
C MET A 53 -20.59 -14.61 -9.90
N VAL A 54 -21.82 -14.76 -9.39
CA VAL A 54 -23.00 -14.20 -10.06
C VAL A 54 -23.66 -13.20 -9.14
N ALA A 55 -24.01 -12.03 -9.68
CA ALA A 55 -24.77 -11.04 -8.94
C ALA A 55 -26.03 -10.68 -9.71
N ARG A 56 -27.12 -10.43 -9.00
CA ARG A 56 -28.36 -10.03 -9.64
CA ARG A 56 -28.40 -10.06 -9.61
C ARG A 56 -28.84 -8.70 -9.12
N VAL A 57 -29.43 -7.91 -10.03
CA VAL A 57 -30.05 -6.64 -9.67
CA VAL A 57 -30.01 -6.59 -9.75
C VAL A 57 -31.41 -6.51 -10.36
N ALA A 58 -32.39 -6.04 -9.59
CA ALA A 58 -33.74 -5.87 -10.14
C ALA A 58 -33.82 -4.62 -11.04
N LEU A 59 -34.66 -4.71 -12.08
CA LEU A 59 -34.85 -3.66 -13.08
C LEU A 59 -36.29 -3.17 -13.06
N VAL A 60 -36.50 -1.96 -12.59
CA VAL A 60 -37.85 -1.43 -12.47
C VAL A 60 -38.17 -0.57 -13.69
N GLN A 61 -37.16 0.07 -14.26
CA GLN A 61 -37.33 0.94 -15.41
C GLN A 61 -37.51 0.05 -16.65
N PRO A 62 -38.12 0.58 -17.72
CA PRO A 62 -38.27 -0.19 -18.96
C PRO A 62 -36.98 -0.86 -19.39
N HIS A 63 -37.07 -2.13 -19.77
CA HIS A 63 -35.90 -2.91 -20.16
C HIS A 63 -36.28 -3.91 -21.24
N GLU A 64 -35.27 -4.43 -21.92
CA GLU A 64 -35.46 -5.40 -22.97
C GLU A 64 -34.50 -6.57 -22.74
N PRO A 65 -34.98 -7.83 -22.88
CA PRO A 65 -34.14 -8.99 -22.59
C PRO A 65 -32.98 -9.18 -23.58
N GLY A 66 -31.99 -9.96 -23.18
CA GLY A 66 -30.84 -10.29 -24.03
C GLY A 66 -29.57 -10.41 -23.24
N ALA A 67 -28.46 -10.68 -23.92
CA ALA A 67 -27.19 -10.85 -23.22
C ALA A 67 -25.98 -10.51 -24.08
N THR A 68 -24.90 -10.08 -23.43
CA THR A 68 -23.60 -9.82 -24.09
C THR A 68 -22.50 -9.94 -23.04
N THR A 69 -21.24 -9.84 -23.46
CA THR A 69 -20.14 -9.71 -22.52
C THR A 69 -19.32 -8.48 -22.84
N VAL A 70 -18.79 -7.84 -21.79
CA VAL A 70 -17.99 -6.62 -21.94
C VAL A 70 -16.78 -6.61 -20.99
N PRO A 71 -15.72 -5.86 -21.33
CA PRO A 71 -14.52 -5.73 -20.48
C PRO A 71 -14.88 -5.34 -19.05
N ALA A 72 -14.50 -6.20 -18.11
CA ALA A 72 -14.90 -6.04 -16.71
C ALA A 72 -14.32 -4.78 -16.07
N ARG A 73 -13.01 -4.60 -16.19
CA ARG A 73 -12.34 -3.48 -15.52
C ARG A 73 -12.80 -2.14 -16.14
N LYS A 74 -12.88 -2.07 -17.45
CA LYS A 74 -13.39 -0.84 -18.11
C LYS A 74 -14.84 -0.50 -17.70
N PHE A 75 -15.72 -1.49 -17.68
CA PHE A 75 -17.13 -1.25 -17.32
C PHE A 75 -17.23 -0.82 -15.85
N PHE A 76 -16.53 -1.52 -14.97
CA PHE A 76 -16.52 -1.14 -13.55
C PHE A 76 -15.97 0.27 -13.36
N ASP A 77 -14.85 0.57 -14.01
CA ASP A 77 -14.20 1.87 -13.85
C ASP A 77 -15.07 3.01 -14.37
N ILE A 78 -15.76 2.78 -15.47
CA ILE A 78 -16.73 3.75 -16.02
C ILE A 78 -17.83 3.98 -15.02
N CYS A 79 -18.45 2.91 -14.52
CA CYS A 79 -19.55 3.07 -13.56
C CYS A 79 -19.08 3.76 -12.28
N ARG A 80 -17.93 3.35 -11.77
CA ARG A 80 -17.36 3.88 -10.53
C ARG A 80 -17.02 5.37 -10.68
N GLY A 81 -16.60 5.74 -11.88
CA GLY A 81 -16.13 7.10 -12.16
C GLY A 81 -17.22 8.11 -12.43
N LEU A 82 -18.43 7.62 -12.67
CA LEU A 82 -19.58 8.50 -12.82
C LEU A 82 -19.96 9.06 -11.47
N PRO A 83 -20.68 10.19 -11.45
CA PRO A 83 -21.00 10.86 -10.18
C PRO A 83 -21.98 10.08 -9.31
N GLU A 84 -21.92 10.29 -8.01
CA GLU A 84 -22.90 9.67 -7.11
C GLU A 84 -24.30 10.12 -7.52
N GLY A 85 -25.22 9.17 -7.61
CA GLY A 85 -26.60 9.45 -8.03
C GLY A 85 -26.89 9.25 -9.50
N ALA A 86 -25.85 9.01 -10.30
CA ALA A 86 -25.99 8.83 -11.74
C ALA A 86 -26.93 7.69 -12.10
N GLU A 87 -27.68 7.88 -13.18
CA GLU A 87 -28.46 6.83 -13.80
C GLU A 87 -27.66 6.32 -14.99
N ILE A 88 -27.59 5.00 -15.13
CA ILE A 88 -26.79 4.41 -16.19
C ILE A 88 -27.68 3.66 -17.17
N ALA A 89 -27.71 4.15 -18.41
CA ALA A 89 -28.55 3.57 -19.47
C ALA A 89 -27.66 2.75 -20.39
N VAL A 90 -28.03 1.51 -20.61
CA VAL A 90 -27.26 0.60 -21.44
C VAL A 90 -28.12 0.11 -22.60
N GLN A 91 -27.51 -0.02 -23.78
CA GLN A 91 -28.15 -0.40 -25.04
C GLN A 91 -27.14 -1.19 -25.87
N LEU A 92 -27.52 -2.41 -26.27
CA LEU A 92 -26.61 -3.27 -27.03
C LEU A 92 -26.81 -2.99 -28.52
N GLU A 93 -25.71 -2.83 -29.25
CA GLU A 93 -25.75 -2.60 -30.70
C GLU A 93 -24.64 -3.37 -31.42
N GLY A 94 -24.84 -4.67 -31.56
CA GLY A 94 -23.93 -5.51 -32.33
C GLY A 94 -22.64 -5.76 -31.59
N GLU A 95 -21.52 -5.36 -32.19
CA GLU A 95 -20.23 -5.57 -31.56
C GLU A 95 -19.89 -4.47 -30.57
N ARG A 96 -20.82 -3.53 -30.34
CA ARG A 96 -20.64 -2.50 -29.33
C ARG A 96 -21.77 -2.49 -28.30
N MET A 97 -21.42 -2.20 -27.05
CA MET A 97 -22.40 -1.91 -26.01
C MET A 97 -22.27 -0.44 -25.65
N LEU A 98 -23.38 0.29 -25.80
CA LEU A 98 -23.44 1.72 -25.53
C LEU A 98 -23.81 1.96 -24.07
N VAL A 99 -23.05 2.82 -23.40
CA VAL A 99 -23.31 3.20 -22.01
C VAL A 99 -23.40 4.72 -21.96
N ARG A 100 -24.47 5.21 -21.36
CA ARG A 100 -24.71 6.65 -21.31
C ARG A 100 -25.23 7.05 -19.96
N SER A 101 -24.74 8.19 -19.48
CA SER A 101 -25.20 8.77 -18.23
C SER A 101 -24.95 10.28 -18.34
N GLY A 102 -26.03 11.06 -18.29
CA GLY A 102 -25.92 12.52 -18.59
C GLY A 102 -25.38 12.75 -19.99
N ARG A 103 -24.31 13.55 -20.09
CA ARG A 103 -23.60 13.73 -21.36
C ARG A 103 -22.22 13.05 -21.32
N SER A 104 -22.18 11.90 -20.66
CA SER A 104 -21.05 11.00 -20.68
C SER A 104 -21.49 9.81 -21.52
N ARG A 105 -20.73 9.48 -22.55
CA ARG A 105 -21.09 8.41 -23.47
C ARG A 105 -19.90 7.49 -23.74
N PHE A 106 -20.14 6.18 -23.70
CA PHE A 106 -19.09 5.18 -23.90
C PHE A 106 -19.56 4.08 -24.83
N SER A 107 -18.64 3.61 -25.66
CA SER A 107 -18.89 2.50 -26.54
C SER A 107 -17.84 1.44 -26.22
N LEU A 108 -18.29 0.27 -25.75
CA LEU A 108 -17.42 -0.83 -25.36
C LEU A 108 -17.50 -1.97 -26.35
N SER A 109 -16.35 -2.62 -26.60
CA SER A 109 -16.33 -3.80 -27.47
C SER A 109 -16.92 -5.01 -26.73
N THR A 110 -17.70 -5.81 -27.46
CA THR A 110 -18.37 -6.98 -26.88
C THR A 110 -17.82 -8.28 -27.45
N LEU A 111 -17.92 -9.35 -26.67
CA LEU A 111 -17.82 -10.71 -27.18
C LEU A 111 -19.15 -11.40 -26.89
N PRO A 112 -19.57 -12.35 -27.76
CA PRO A 112 -20.90 -12.92 -27.59
C PRO A 112 -21.10 -13.71 -26.29
N ALA A 113 -22.29 -13.56 -25.72
CA ALA A 113 -22.69 -14.31 -24.52
C ALA A 113 -22.54 -15.82 -24.71
N ALA A 114 -22.82 -16.31 -25.92
CA ALA A 114 -22.71 -17.72 -26.23
C ALA A 114 -21.29 -18.27 -26.11
N ASP A 115 -20.29 -17.41 -26.20
CA ASP A 115 -18.88 -17.79 -26.00
C ASP A 115 -18.47 -17.81 -24.52
N PHE A 116 -19.30 -17.26 -23.64
CA PHE A 116 -18.93 -17.16 -22.23
C PHE A 116 -18.95 -18.53 -21.56
N PRO A 117 -17.83 -18.93 -20.94
CA PRO A 117 -17.72 -20.25 -20.32
C PRO A 117 -18.73 -20.47 -19.19
N ASN A 118 -19.38 -21.63 -19.21
CA ASN A 118 -20.21 -22.09 -18.10
C ASN A 118 -19.51 -23.24 -17.40
N LEU A 119 -19.57 -23.25 -16.07
CA LEU A 119 -19.23 -24.45 -15.32
C LEU A 119 -20.29 -25.48 -15.70
N ASP A 120 -19.88 -26.73 -15.87
CA ASP A 120 -20.80 -27.81 -16.21
C ASP A 120 -21.90 -27.89 -15.15
N ASP A 121 -23.04 -28.44 -15.53
CA ASP A 121 -24.12 -28.66 -14.58
C ASP A 121 -23.64 -29.73 -13.60
N TRP A 122 -24.13 -29.66 -12.38
CA TRP A 122 -23.73 -30.60 -11.34
C TRP A 122 -24.88 -30.75 -10.34
N GLN A 123 -24.75 -31.70 -9.42
CA GLN A 123 -25.79 -32.00 -8.46
C GLN A 123 -25.28 -31.83 -7.02
N SER A 124 -26.13 -31.25 -6.19
CA SER A 124 -25.88 -31.06 -4.77
C SER A 124 -26.01 -32.39 -4.03
N GLU A 125 -25.10 -32.66 -3.10
CA GLU A 125 -25.12 -33.87 -2.27
C GLU A 125 -25.26 -33.59 -0.77
N VAL A 126 -24.78 -32.43 -0.33
CA VAL A 126 -24.90 -32.01 1.06
C VAL A 126 -25.27 -30.54 1.09
N GLU A 127 -26.24 -30.16 1.93
CA GLU A 127 -26.71 -28.78 2.02
C GLU A 127 -26.99 -28.33 3.45
N PHE A 128 -26.65 -27.10 3.76
CA PHE A 128 -26.92 -26.50 5.07
C PHE A 128 -26.86 -24.99 4.97
N THR A 129 -27.50 -24.33 5.95
CA THR A 129 -27.50 -22.88 6.05
C THR A 129 -26.73 -22.54 7.34
N LEU A 130 -25.96 -21.47 7.31
CA LEU A 130 -25.30 -20.99 8.52
C LEU A 130 -25.12 -19.50 8.40
N PRO A 131 -24.86 -18.81 9.52
CA PRO A 131 -24.63 -17.37 9.43
C PRO A 131 -23.36 -17.03 8.65
N GLN A 132 -23.42 -16.00 7.81
CA GLN A 132 -22.19 -15.42 7.21
C GLN A 132 -21.03 -15.39 8.17
N ALA A 133 -21.30 -14.88 9.36
CA ALA A 133 -20.29 -14.62 10.37
C ALA A 133 -19.54 -15.89 10.77
N THR A 134 -20.26 -17.01 10.85
CA THR A 134 -19.65 -18.28 11.22
C THR A 134 -18.70 -18.77 10.14
N MET A 135 -19.12 -18.70 8.88
CA MET A 135 -18.24 -19.03 7.75
C MET A 135 -16.98 -18.15 7.72
N LYS A 136 -17.14 -16.84 7.90
CA LYS A 136 -15.99 -15.92 7.95
C LYS A 136 -14.99 -16.29 9.02
N ARG A 137 -15.49 -16.53 10.21
CA ARG A 137 -14.66 -16.95 11.34
C ARG A 137 -13.87 -18.23 11.03
N LEU A 138 -14.53 -19.20 10.42
CA LEU A 138 -13.89 -20.48 10.09
C LEU A 138 -12.74 -20.31 9.09
N ILE A 139 -12.96 -19.47 8.08
CA ILE A 139 -11.91 -19.24 7.08
C ILE A 139 -10.78 -18.38 7.61
N GLU A 140 -11.12 -17.27 8.30
CA GLU A 140 -10.11 -16.38 8.93
C GLU A 140 -9.19 -17.12 9.92
N ALA A 141 -9.75 -18.06 10.66
CA ALA A 141 -8.98 -18.82 11.64
C ALA A 141 -7.90 -19.71 11.05
N THR A 142 -8.02 -20.09 9.77
CA THR A 142 -7.18 -21.14 9.20
C THR A 142 -6.50 -20.82 7.86
N GLN A 143 -6.95 -19.78 7.16
CA GLN A 143 -6.54 -19.58 5.77
C GLN A 143 -5.04 -19.33 5.58
N PHE A 144 -4.40 -18.70 6.57
CA PHE A 144 -2.96 -18.41 6.47
C PHE A 144 -2.09 -19.65 6.44
N SER A 145 -2.61 -20.80 6.87
CA SER A 145 -1.84 -22.05 6.87
C SER A 145 -1.98 -22.85 5.57
N MET A 146 -2.72 -22.34 4.59
CA MET A 146 -2.82 -23.01 3.29
C MET A 146 -1.46 -22.94 2.58
N ALA A 147 -1.11 -23.96 1.83
CA ALA A 147 0.05 -23.85 0.94
C ALA A 147 -0.29 -22.90 -0.21
N HIS A 148 0.73 -22.43 -0.90
CA HIS A 148 0.52 -21.47 -2.00
C HIS A 148 0.67 -22.14 -3.36
N GLN A 149 1.85 -22.68 -3.63
CA GLN A 149 2.17 -23.23 -4.93
C GLN A 149 2.86 -24.59 -4.78
N ASP A 150 2.38 -25.40 -3.84
CA ASP A 150 2.97 -26.70 -3.57
C ASP A 150 2.69 -27.67 -4.71
N VAL A 151 3.64 -28.53 -5.03
CA VAL A 151 3.42 -29.55 -6.04
CA VAL A 151 3.44 -29.56 -6.04
C VAL A 151 2.35 -30.54 -5.59
N ARG A 152 2.18 -30.68 -4.27
CA ARG A 152 0.98 -31.35 -3.75
C ARG A 152 -0.18 -30.34 -3.83
N TYR A 153 -0.84 -30.36 -4.98
CA TYR A 153 -1.93 -29.44 -5.34
C TYR A 153 -3.08 -29.37 -4.31
N TYR A 154 -3.37 -30.50 -3.66
CA TYR A 154 -4.46 -30.60 -2.69
C TYR A 154 -4.21 -29.85 -1.38
N LEU A 155 -2.97 -29.39 -1.17
CA LEU A 155 -2.65 -28.53 -0.03
C LEU A 155 -2.84 -27.05 -0.35
N ASN A 156 -2.97 -26.70 -1.64
CA ASN A 156 -3.19 -25.32 -2.07
C ASN A 156 -4.68 -25.02 -2.03
N GLY A 157 -5.21 -25.04 -0.81
CA GLY A 157 -6.64 -24.96 -0.60
C GLY A 157 -6.99 -25.27 0.83
N MET A 158 -8.28 -25.47 1.07
CA MET A 158 -8.81 -25.64 2.42
C MET A 158 -9.82 -26.79 2.49
N LEU A 159 -9.67 -27.66 3.48
CA LEU A 159 -10.67 -28.71 3.73
C LEU A 159 -11.86 -28.13 4.46
N PHE A 160 -13.06 -28.41 3.93
CA PHE A 160 -14.34 -28.18 4.61
C PHE A 160 -14.96 -29.54 4.96
N GLU A 161 -15.18 -29.76 6.24
CA GLU A 161 -15.66 -31.05 6.74
C GLU A 161 -16.90 -30.86 7.58
N THR A 162 -17.92 -31.68 7.32
CA THR A 162 -19.12 -31.73 8.15
C THR A 162 -19.00 -32.95 9.05
N GLU A 163 -19.23 -32.76 10.34
CA GLU A 163 -19.27 -33.87 11.28
C GLU A 163 -20.22 -33.54 12.43
N GLY A 164 -21.19 -34.43 12.66
CA GLY A 164 -22.23 -34.22 13.67
C GLY A 164 -22.98 -32.94 13.37
N GLU A 165 -22.92 -31.97 14.27
CA GLU A 165 -23.57 -30.68 14.07
C GLU A 165 -22.55 -29.57 13.83
N GLU A 166 -21.33 -29.93 13.44
CA GLU A 166 -20.26 -28.95 13.26
C GLU A 166 -19.81 -28.85 11.80
N LEU A 167 -19.40 -27.64 11.40
CA LEU A 167 -18.63 -27.43 10.17
C LEU A 167 -17.21 -27.10 10.64
N ARG A 168 -16.24 -27.72 9.97
CA ARG A 168 -14.82 -27.57 10.31
CA ARG A 168 -14.82 -27.61 10.31
C ARG A 168 -14.01 -27.24 9.08
N THR A 169 -13.01 -26.36 9.26
CA THR A 169 -12.01 -26.06 8.24
C THR A 169 -10.63 -26.53 8.70
N VAL A 170 -9.84 -27.01 7.75
CA VAL A 170 -8.45 -27.45 7.99
C VAL A 170 -7.56 -26.91 6.89
N ALA A 171 -6.44 -26.29 7.26
CA ALA A 171 -5.42 -25.85 6.29
C ALA A 171 -4.03 -26.24 6.76
N THR A 172 -3.20 -26.67 5.82
CA THR A 172 -1.82 -27.04 6.13
C THR A 172 -0.90 -26.95 4.90
N ASP A 173 0.36 -26.61 5.14
CA ASP A 173 1.37 -26.55 4.10
C ASP A 173 2.47 -27.57 4.36
N GLY A 174 2.24 -28.47 5.30
CA GLY A 174 3.19 -29.51 5.68
C GLY A 174 4.11 -29.15 6.82
N HIS A 175 4.24 -27.85 7.09
CA HIS A 175 5.06 -27.34 8.20
C HIS A 175 4.24 -26.83 9.36
N ARG A 176 3.07 -26.29 9.05
CA ARG A 176 2.14 -25.86 10.08
C ARG A 176 0.71 -26.18 9.66
N LEU A 177 -0.17 -26.34 10.64
CA LEU A 177 -1.55 -26.69 10.39
C LEU A 177 -2.47 -25.85 11.23
N ALA A 178 -3.63 -25.53 10.68
CA ALA A 178 -4.67 -24.82 11.40
C ALA A 178 -6.00 -25.57 11.26
N VAL A 179 -6.75 -25.68 12.35
CA VAL A 179 -8.06 -26.33 12.35
C VAL A 179 -9.03 -25.55 13.25
N CYS A 180 -10.25 -25.39 12.76
CA CYS A 180 -11.32 -24.64 13.48
C CYS A 180 -12.67 -25.31 13.22
N SER A 181 -13.49 -25.44 14.25
CA SER A 181 -14.84 -26.05 14.13
C SER A 181 -15.87 -25.15 14.78
N MET A 182 -17.04 -25.05 14.16
CA MET A 182 -18.15 -24.24 14.68
C MET A 182 -19.45 -25.03 14.61
N PRO A 183 -20.33 -24.86 15.61
CA PRO A 183 -21.64 -25.51 15.56
C PRO A 183 -22.56 -24.81 14.59
N ILE A 184 -23.40 -25.55 13.90
CA ILE A 184 -24.39 -24.93 13.03
C ILE A 184 -25.83 -25.32 13.32
N GLY A 185 -26.06 -26.12 14.37
CA GLY A 185 -27.41 -26.40 14.86
C GLY A 185 -28.26 -27.34 14.01
N GLN A 186 -27.63 -28.05 13.09
CA GLN A 186 -28.27 -29.08 12.27
C GLN A 186 -27.45 -30.33 12.41
N SER A 187 -28.09 -31.49 12.49
CA SER A 187 -27.38 -32.77 12.33
C SER A 187 -26.97 -32.93 10.86
N LEU A 188 -25.70 -33.30 10.62
CA LEU A 188 -25.12 -33.33 9.26
C LEU A 188 -24.49 -34.68 8.92
N PRO A 189 -24.49 -35.04 7.64
CA PRO A 189 -23.73 -36.23 7.26
C PRO A 189 -22.22 -35.96 7.34
N SER A 190 -21.44 -37.01 7.53
CA SER A 190 -19.97 -36.91 7.56
C SER A 190 -19.45 -36.82 6.15
N HIS A 191 -18.71 -35.75 5.86
CA HIS A 191 -18.35 -35.45 4.49
C HIS A 191 -17.22 -34.43 4.50
N SER A 192 -16.32 -34.52 3.51
CA SER A 192 -15.12 -33.68 3.41
C SER A 192 -14.80 -33.34 1.96
N VAL A 193 -14.55 -32.07 1.66
CA VAL A 193 -14.08 -31.65 0.34
C VAL A 193 -12.98 -30.61 0.46
N ILE A 194 -12.20 -30.47 -0.60
CA ILE A 194 -11.13 -29.48 -0.66
C ILE A 194 -11.48 -28.33 -1.62
N VAL A 195 -11.50 -27.11 -1.10
CA VAL A 195 -11.76 -25.94 -1.91
C VAL A 195 -10.41 -25.26 -2.28
N PRO A 196 -10.17 -25.00 -3.58
CA PRO A 196 -8.92 -24.33 -3.98
C PRO A 196 -8.70 -22.95 -3.34
N ARG A 197 -7.44 -22.64 -3.04
CA ARG A 197 -7.11 -21.45 -2.27
C ARG A 197 -7.67 -20.16 -2.87
N LYS A 198 -7.66 -20.01 -4.19
CA LYS A 198 -8.24 -18.83 -4.82
C LYS A 198 -9.75 -18.71 -4.54
N GLY A 199 -10.44 -19.85 -4.50
CA GLY A 199 -11.87 -19.89 -4.16
C GLY A 199 -12.16 -19.56 -2.71
N VAL A 200 -11.29 -20.03 -1.83
CA VAL A 200 -11.40 -19.71 -0.40
C VAL A 200 -11.34 -18.20 -0.20
N ILE A 201 -10.35 -17.57 -0.82
CA ILE A 201 -10.12 -16.14 -0.76
C ILE A 201 -11.31 -15.36 -1.35
N GLU A 202 -11.80 -15.78 -2.52
CA GLU A 202 -12.97 -15.12 -3.12
C GLU A 202 -14.26 -15.29 -2.30
N LEU A 203 -14.44 -16.47 -1.74
CA LEU A 203 -15.55 -16.72 -0.85
C LEU A 203 -15.44 -15.82 0.37
N MET A 204 -14.26 -15.76 0.97
CA MET A 204 -14.02 -14.91 2.13
CA MET A 204 -14.03 -14.91 2.13
C MET A 204 -14.42 -13.46 1.81
N ARG A 205 -14.01 -12.98 0.65
CA ARG A 205 -14.23 -11.59 0.25
CA ARG A 205 -14.21 -11.57 0.31
C ARG A 205 -15.68 -11.26 -0.08
N MET A 206 -16.50 -12.29 -0.30
CA MET A 206 -17.92 -12.07 -0.59
C MET A 206 -18.75 -11.85 0.69
N LEU A 207 -18.16 -12.17 1.84
CA LEU A 207 -18.85 -12.09 3.14
C LEU A 207 -18.52 -10.77 3.85
N ASP A 208 -19.52 -9.96 4.16
CA ASP A 208 -19.30 -8.57 4.61
C ASP A 208 -19.63 -8.17 6.07
N GLY A 209 -19.75 -9.12 7.00
CA GLY A 209 -20.04 -8.72 8.40
C GLY A 209 -21.49 -8.39 8.75
N GLY A 210 -22.38 -8.38 7.77
CA GLY A 210 -23.81 -8.30 8.05
C GLY A 210 -24.36 -9.59 8.64
N ASP A 211 -25.55 -9.50 9.24
CA ASP A 211 -26.32 -10.67 9.63
C ASP A 211 -27.12 -11.15 8.43
N ASN A 212 -26.66 -12.23 7.81
CA ASN A 212 -27.23 -12.69 6.56
C ASN A 212 -27.05 -14.20 6.48
N PRO A 213 -28.15 -14.95 6.30
CA PRO A 213 -27.98 -16.39 6.13
C PRO A 213 -27.16 -16.70 4.88
N LEU A 214 -26.28 -17.69 4.99
CA LEU A 214 -25.51 -18.22 3.87
C LEU A 214 -25.94 -19.67 3.61
N ARG A 215 -26.31 -19.96 2.37
CA ARG A 215 -26.71 -21.32 1.99
C ARG A 215 -25.57 -22.00 1.24
N VAL A 216 -25.14 -23.13 1.75
CA VAL A 216 -24.04 -23.89 1.17
C VAL A 216 -24.56 -25.20 0.56
N GLN A 217 -24.13 -25.45 -0.67
CA GLN A 217 -24.42 -26.68 -1.37
C GLN A 217 -23.11 -27.31 -1.84
N ILE A 218 -22.87 -28.54 -1.40
CA ILE A 218 -21.67 -29.27 -1.79
C ILE A 218 -22.02 -30.48 -2.69
N GLY A 219 -21.37 -30.56 -3.85
CA GLY A 219 -21.47 -31.69 -4.77
C GLY A 219 -20.18 -32.53 -4.74
N SER A 220 -20.08 -33.52 -5.63
CA SER A 220 -18.87 -34.34 -5.75
C SER A 220 -17.67 -33.53 -6.28
N ASN A 221 -17.95 -32.55 -7.12
CA ASN A 221 -16.90 -31.79 -7.81
C ASN A 221 -17.01 -30.28 -7.69
N ASN A 222 -18.00 -29.79 -6.93
CA ASN A 222 -18.30 -28.37 -6.84
C ASN A 222 -18.79 -27.97 -5.47
N ILE A 223 -18.57 -26.71 -5.12
CA ILE A 223 -19.21 -26.09 -3.95
C ILE A 223 -19.89 -24.79 -4.37
N ARG A 224 -21.03 -24.49 -3.75
CA ARG A 224 -21.77 -23.26 -4.03
C ARG A 224 -22.19 -22.59 -2.73
N ALA A 225 -22.09 -21.26 -2.68
CA ALA A 225 -22.53 -20.49 -1.55
C ALA A 225 -23.42 -19.34 -2.04
N HIS A 226 -24.60 -19.22 -1.43
CA HIS A 226 -25.59 -18.17 -1.74
CA HIS A 226 -25.55 -18.16 -1.76
C HIS A 226 -25.71 -17.24 -0.56
N VAL A 227 -25.45 -15.95 -0.75
CA VAL A 227 -25.76 -14.95 0.28
C VAL A 227 -26.36 -13.73 -0.40
N GLY A 228 -27.44 -13.19 0.16
CA GLY A 228 -28.16 -12.08 -0.47
C GLY A 228 -28.43 -12.45 -1.92
N ASP A 229 -28.05 -11.57 -2.84
CA ASP A 229 -28.26 -11.82 -4.26
C ASP A 229 -26.94 -12.09 -4.96
N PHE A 230 -26.04 -12.78 -4.24
CA PHE A 230 -24.77 -13.20 -4.79
C PHE A 230 -24.69 -14.74 -4.72
N ILE A 231 -24.17 -15.35 -5.79
CA ILE A 231 -23.97 -16.80 -5.85
C ILE A 231 -22.55 -17.09 -6.32
N PHE A 232 -21.79 -17.77 -5.47
CA PHE A 232 -20.42 -18.15 -5.74
C PHE A 232 -20.34 -19.65 -5.95
N THR A 233 -19.69 -20.08 -7.02
CA THR A 233 -19.47 -21.48 -7.30
C THR A 233 -17.99 -21.70 -7.62
N SER A 234 -17.42 -22.77 -7.06
CA SER A 234 -16.07 -23.18 -7.37
C SER A 234 -16.01 -24.68 -7.61
N LYS A 235 -15.11 -25.09 -8.50
CA LYS A 235 -14.69 -26.48 -8.57
C LYS A 235 -13.99 -26.85 -7.27
N LEU A 236 -13.91 -28.16 -7.03
CA LEU A 236 -13.19 -28.71 -5.88
C LEU A 236 -11.87 -29.32 -6.34
N VAL A 237 -10.97 -29.58 -5.41
CA VAL A 237 -9.67 -30.21 -5.70
C VAL A 237 -9.76 -31.67 -5.24
N ASP A 238 -9.25 -32.57 -6.07
CA ASP A 238 -9.44 -34.01 -5.89
C ASP A 238 -8.12 -34.64 -5.40
N GLY A 239 -7.98 -34.86 -4.09
CA GLY A 239 -6.75 -35.44 -3.53
C GLY A 239 -6.82 -35.95 -2.09
N ARG A 240 -5.70 -36.51 -1.62
CA ARG A 240 -5.62 -37.14 -0.30
C ARG A 240 -5.19 -36.16 0.80
N PHE A 241 -6.16 -35.47 1.39
CA PHE A 241 -5.88 -34.44 2.39
C PHE A 241 -5.54 -35.08 3.74
N PRO A 242 -4.48 -34.60 4.40
CA PRO A 242 -4.10 -35.22 5.68
C PRO A 242 -5.16 -35.13 6.79
N ASP A 243 -5.13 -36.09 7.71
CA ASP A 243 -6.06 -36.16 8.84
C ASP A 243 -5.48 -35.35 10.00
N TYR A 244 -6.10 -34.21 10.31
CA TYR A 244 -5.63 -33.35 11.41
C TYR A 244 -5.54 -34.09 12.75
N ARG A 245 -6.39 -35.09 12.94
CA ARG A 245 -6.37 -35.91 14.16
C ARG A 245 -5.00 -36.58 14.36
N ARG A 246 -4.31 -36.89 13.26
CA ARG A 246 -2.99 -37.51 13.33
C ARG A 246 -1.83 -36.52 13.44
N VAL A 247 -2.13 -35.23 13.31
CA VAL A 247 -1.13 -34.17 13.37
C VAL A 247 -1.07 -33.58 14.77
N LEU A 248 -2.21 -33.56 15.48
CA LEU A 248 -2.30 -33.00 16.84
C LEU A 248 -1.42 -33.83 17.76
N PRO A 249 -0.54 -33.20 18.55
CA PRO A 249 0.30 -33.95 19.48
C PRO A 249 -0.50 -34.88 20.40
N LYS A 250 -0.09 -36.15 20.46
CA LYS A 250 -0.86 -37.15 21.21
C LYS A 250 -0.82 -37.03 22.74
N ASN A 251 0.29 -36.52 23.28
CA ASN A 251 0.50 -36.49 24.73
C ASN A 251 1.53 -35.44 25.17
N PRO A 252 1.22 -34.15 24.96
CA PRO A 252 2.17 -33.13 25.43
C PRO A 252 2.28 -33.10 26.94
N ASP A 253 3.51 -33.07 27.46
CA ASP A 253 3.77 -33.05 28.91
C ASP A 253 4.42 -31.75 29.40
N LYS A 254 4.46 -30.75 28.52
CA LYS A 254 5.05 -29.46 28.84
C LYS A 254 4.05 -28.39 28.41
N HIS A 255 3.72 -27.48 29.33
CA HIS A 255 2.69 -26.49 29.10
C HIS A 255 3.18 -25.07 29.43
N LEU A 256 3.07 -24.21 28.43
CA LEU A 256 3.50 -22.82 28.54
CA LEU A 256 3.51 -22.83 28.53
C LEU A 256 2.27 -21.95 28.34
N GLU A 257 2.08 -20.97 29.23
CA GLU A 257 1.01 -20.00 29.08
C GLU A 257 1.54 -18.58 29.25
N ALA A 258 1.15 -17.71 28.33
CA ALA A 258 1.55 -16.30 28.41
C ALA A 258 0.57 -15.42 27.65
N GLY A 259 0.65 -14.12 27.91
CA GLY A 259 -0.14 -13.12 27.19
C GLY A 259 0.25 -13.09 25.72
N CYS A 260 -0.75 -12.97 24.86
CA CYS A 260 -0.48 -12.97 23.42
CA CYS A 260 -0.53 -12.93 23.41
C CYS A 260 0.44 -11.82 23.02
N ASP A 261 0.17 -10.62 23.53
CA ASP A 261 0.93 -9.45 23.15
C ASP A 261 2.38 -9.55 23.57
N LEU A 262 2.63 -9.89 24.83
CA LEU A 262 4.01 -10.06 25.30
C LEU A 262 4.79 -11.11 24.49
N LEU A 263 4.15 -12.24 24.18
CA LEU A 263 4.81 -13.28 23.38
C LEU A 263 5.08 -12.78 21.97
N LYS A 264 4.07 -12.20 21.34
CA LYS A 264 4.22 -11.68 19.98
C LYS A 264 5.33 -10.64 19.88
N GLN A 265 5.34 -9.68 20.82
CA GLN A 265 6.33 -8.60 20.75
C GLN A 265 7.77 -9.07 21.01
N ALA A 266 7.94 -10.02 21.94
CA ALA A 266 9.23 -10.66 22.15
C ALA A 266 9.71 -11.43 20.91
N PHE A 267 8.84 -12.20 20.30
CA PHE A 267 9.20 -12.90 19.08
C PHE A 267 9.62 -11.94 17.97
N ALA A 268 8.82 -10.91 17.75
CA ALA A 268 9.07 -9.93 16.70
C ALA A 268 10.39 -9.20 16.90
N ARG A 269 10.71 -8.81 18.14
CA ARG A 269 12.00 -8.14 18.43
C ARG A 269 13.19 -9.08 18.22
N ALA A 270 13.10 -10.29 18.77
CA ALA A 270 14.23 -11.22 18.66
C ALA A 270 14.54 -11.50 17.17
N ALA A 271 13.47 -11.61 16.37
CA ALA A 271 13.58 -11.90 14.95
C ALA A 271 14.40 -10.88 14.17
N ILE A 272 14.49 -9.65 14.68
CA ILE A 272 15.26 -8.58 14.01
C ILE A 272 16.72 -9.01 13.78
N LEU A 273 17.29 -9.75 14.73
CA LEU A 273 18.68 -10.19 14.63
C LEU A 273 18.80 -11.68 14.33
N SER A 274 17.76 -12.26 13.74
CA SER A 274 17.84 -13.62 13.19
C SER A 274 18.37 -13.53 11.76
N ASN A 275 18.56 -14.68 11.10
CA ASN A 275 19.00 -14.69 9.70
C ASN A 275 17.90 -14.14 8.77
N GLU A 276 18.19 -13.09 8.02
CA GLU A 276 17.15 -12.40 7.23
C GLU A 276 16.49 -13.29 6.18
N LYS A 277 17.15 -14.38 5.78
CA LYS A 277 16.66 -15.23 4.69
C LYS A 277 15.79 -16.37 5.24
N PHE A 278 16.15 -16.89 6.41
CA PHE A 278 15.33 -17.88 7.13
C PHE A 278 15.24 -17.49 8.60
N ARG A 279 14.23 -16.69 8.98
CA ARG A 279 14.17 -16.13 10.33
C ARG A 279 13.62 -17.13 11.33
N GLY A 280 14.47 -17.53 12.26
CA GLY A 280 14.12 -18.46 13.34
C GLY A 280 14.65 -17.96 14.69
N VAL A 281 14.03 -18.43 15.76
CA VAL A 281 14.45 -18.09 17.10
C VAL A 281 14.50 -19.34 17.95
N ARG A 282 15.33 -19.30 18.97
CA ARG A 282 15.46 -20.40 19.91
C ARG A 282 14.66 -20.08 21.16
N LEU A 283 13.88 -21.04 21.63
CA LEU A 283 13.15 -20.94 22.90
C LEU A 283 13.80 -21.84 23.95
N TYR A 284 14.10 -21.28 25.11
CA TYR A 284 14.54 -22.09 26.24
C TYR A 284 13.49 -21.91 27.32
N VAL A 285 12.82 -23.00 27.69
CA VAL A 285 11.79 -22.97 28.71
C VAL A 285 12.32 -23.64 29.99
N SER A 286 12.11 -22.95 31.10
CA SER A 286 12.49 -23.45 32.42
C SER A 286 11.48 -22.92 33.41
N GLU A 287 11.68 -23.25 34.67
CA GLU A 287 10.74 -22.86 35.72
C GLU A 287 10.32 -21.40 35.62
N ASN A 288 9.05 -21.17 35.32
CA ASN A 288 8.45 -19.83 35.33
C ASN A 288 9.07 -18.82 34.35
N GLN A 289 9.81 -19.30 33.36
CA GLN A 289 10.55 -18.38 32.49
C GLN A 289 10.70 -18.87 31.07
N LEU A 290 10.66 -17.94 30.13
CA LEU A 290 10.93 -18.22 28.73
C LEU A 290 12.04 -17.30 28.29
N LYS A 291 13.05 -17.87 27.66
CA LYS A 291 14.12 -17.09 27.05
C LYS A 291 14.05 -17.32 25.56
N ILE A 292 14.09 -16.25 24.79
CA ILE A 292 14.05 -16.33 23.32
C ILE A 292 15.32 -15.68 22.84
N THR A 293 16.09 -16.37 22.00
CA THR A 293 17.32 -15.79 21.47
C THR A 293 17.38 -15.92 19.94
N ALA A 294 18.19 -15.07 19.34
CA ALA A 294 18.39 -15.06 17.90
C ALA A 294 19.80 -14.59 17.61
N ASN A 295 20.36 -15.07 16.50
CA ASN A 295 21.60 -14.53 16.03
C ASN A 295 21.66 -14.63 14.52
N ASN A 296 22.61 -13.90 13.94
CA ASN A 296 22.73 -13.81 12.49
C ASN A 296 24.19 -13.98 12.05
N PRO A 297 24.45 -13.97 10.75
CA PRO A 297 25.84 -14.21 10.28
C PRO A 297 26.85 -13.11 10.67
N GLU A 298 26.36 -11.89 10.90
CA GLU A 298 27.21 -10.80 11.41
C GLU A 298 27.58 -10.99 12.90
N GLN A 299 27.10 -12.08 13.51
CA GLN A 299 27.30 -12.39 14.93
C GLN A 299 26.63 -11.37 15.87
N GLU A 300 25.57 -10.75 15.37
CA GLU A 300 24.69 -9.94 16.19
C GLU A 300 23.75 -10.87 16.93
N GLU A 301 23.32 -10.47 18.14
CA GLU A 301 22.52 -11.34 19.01
C GLU A 301 21.40 -10.55 19.69
N ALA A 302 20.24 -11.20 19.81
CA ALA A 302 19.10 -10.70 20.59
C ALA A 302 18.77 -11.70 21.70
N GLU A 303 18.30 -11.17 22.83
CA GLU A 303 17.82 -12.01 23.92
C GLU A 303 16.61 -11.35 24.58
N GLU A 304 15.54 -12.14 24.76
CA GLU A 304 14.34 -11.72 25.48
C GLU A 304 14.07 -12.70 26.61
N ILE A 305 13.82 -12.18 27.81
CA ILE A 305 13.42 -13.03 28.92
C ILE A 305 12.00 -12.60 29.33
N LEU A 306 11.11 -13.59 29.51
CA LEU A 306 9.70 -13.37 29.82
C LEU A 306 9.37 -14.14 31.08
N ASP A 307 8.54 -13.56 31.93
CA ASP A 307 7.95 -14.30 33.05
C ASP A 307 6.71 -14.97 32.51
N VAL A 308 6.66 -16.30 32.64
CA VAL A 308 5.56 -17.06 32.10
C VAL A 308 5.08 -18.14 33.07
N THR A 309 3.93 -18.70 32.73
CA THR A 309 3.42 -19.89 33.38
C THR A 309 4.05 -21.06 32.63
N TYR A 310 4.76 -21.92 33.35
CA TYR A 310 5.36 -23.08 32.71
C TYR A 310 5.40 -24.27 33.64
N SER A 311 4.98 -25.43 33.14
CA SER A 311 5.16 -26.68 33.86
C SER A 311 5.84 -27.65 32.93
N GLY A 312 6.78 -28.42 33.47
CA GLY A 312 7.48 -29.41 32.69
C GLY A 312 8.98 -29.37 32.91
N ALA A 313 9.66 -30.35 32.31
CA ALA A 313 11.12 -30.37 32.28
C ALA A 313 11.66 -29.19 31.46
N GLU A 314 12.90 -28.80 31.73
CA GLU A 314 13.58 -27.80 30.93
C GLU A 314 13.84 -28.33 29.54
N MET A 315 13.66 -27.51 28.52
CA MET A 315 14.00 -27.89 27.15
CA MET A 315 14.02 -27.89 27.16
C MET A 315 14.29 -26.66 26.29
N GLU A 316 15.02 -26.88 25.19
CA GLU A 316 15.31 -25.89 24.18
C GLU A 316 14.67 -26.37 22.88
N ILE A 317 14.08 -25.44 22.13
CA ILE A 317 13.41 -25.76 20.88
C ILE A 317 13.42 -24.50 20.00
N GLY A 318 13.64 -24.68 18.70
CA GLY A 318 13.57 -23.59 17.72
C GLY A 318 12.28 -23.50 16.92
N PHE A 319 11.95 -22.29 16.46
CA PHE A 319 10.77 -22.05 15.62
C PHE A 319 11.02 -21.02 14.54
N ASN A 320 10.40 -21.26 13.39
CA ASN A 320 10.27 -20.27 12.36
C ASN A 320 9.36 -19.16 12.87
N VAL A 321 9.89 -17.94 12.92
CA VAL A 321 9.17 -16.77 13.47
C VAL A 321 7.83 -16.53 12.81
N SER A 322 7.79 -16.55 11.49
CA SER A 322 6.57 -16.22 10.76
C SER A 322 5.44 -17.20 11.09
N TYR A 323 5.77 -18.48 11.31
CA TYR A 323 4.73 -19.47 11.61
C TYR A 323 4.09 -19.15 12.96
N VAL A 324 4.92 -18.77 13.92
CA VAL A 324 4.42 -18.47 15.26
C VAL A 324 3.62 -17.16 15.23
N LEU A 325 4.18 -16.13 14.60
CA LEU A 325 3.50 -14.83 14.52
C LEU A 325 2.16 -14.95 13.79
N ASP A 326 2.10 -15.77 12.73
CA ASP A 326 0.82 -16.00 12.03
C ASP A 326 -0.25 -16.54 12.96
N VAL A 327 0.11 -17.48 13.84
CA VAL A 327 -0.84 -18.05 14.79
C VAL A 327 -1.27 -17.01 15.80
N LEU A 328 -0.30 -16.29 16.37
CA LEU A 328 -0.61 -15.33 17.42
C LEU A 328 -1.51 -14.21 16.89
N ASN A 329 -1.31 -13.84 15.63
CA ASN A 329 -2.16 -12.86 14.95
C ASN A 329 -3.57 -13.38 14.65
N ALA A 330 -3.74 -14.70 14.61
CA ALA A 330 -5.05 -15.28 14.37
C ALA A 330 -5.83 -15.54 15.65
N LEU A 331 -5.15 -15.43 16.78
CA LEU A 331 -5.78 -15.64 18.08
C LEU A 331 -6.48 -14.36 18.56
N LYS A 332 -5.81 -13.22 18.40
CA LYS A 332 -6.37 -11.92 18.78
C LYS A 332 -7.15 -12.00 20.09
N CYS A 333 -6.49 -12.51 21.12
CA CYS A 333 -7.11 -12.68 22.43
C CYS A 333 -6.05 -12.80 23.51
N GLU A 334 -6.48 -12.75 24.77
CA GLU A 334 -5.59 -12.47 25.89
C GLU A 334 -4.47 -13.49 26.08
N ASN A 335 -4.82 -14.76 26.34
CA ASN A 335 -3.84 -15.73 26.81
C ASN A 335 -3.66 -16.93 25.89
N VAL A 336 -2.39 -17.27 25.66
CA VAL A 336 -2.01 -18.31 24.73
C VAL A 336 -1.46 -19.50 25.48
N ARG A 337 -1.82 -20.70 25.02
CA ARG A 337 -1.26 -21.95 25.54
C ARG A 337 -0.40 -22.58 24.46
N MET A 338 0.83 -22.96 24.82
CA MET A 338 1.66 -23.82 23.98
CA MET A 338 1.68 -23.80 23.97
C MET A 338 1.85 -25.15 24.68
N MET A 339 1.59 -26.22 23.95
CA MET A 339 1.67 -27.58 24.47
CA MET A 339 1.70 -27.57 24.48
C MET A 339 2.83 -28.28 23.76
N LEU A 340 3.87 -28.63 24.53
CA LEU A 340 5.10 -29.17 23.97
C LEU A 340 5.34 -30.59 24.43
N THR A 341 6.22 -31.30 23.71
CA THR A 341 6.55 -32.68 24.02
C THR A 341 8.06 -32.83 24.20
N ASP A 342 8.82 -32.55 23.14
CA ASP A 342 10.29 -32.56 23.18
C ASP A 342 10.87 -31.64 22.10
N SER A 343 12.21 -31.57 22.00
CA SER A 343 12.87 -30.63 21.10
CA SER A 343 12.86 -30.62 21.10
C SER A 343 12.65 -30.89 19.60
N VAL A 344 12.29 -32.13 19.25
CA VAL A 344 12.11 -32.53 17.84
C VAL A 344 10.66 -32.79 17.40
N SER A 345 9.70 -32.47 18.27
CA SER A 345 8.29 -32.75 17.98
C SER A 345 7.53 -31.43 17.83
N SER A 346 6.45 -31.48 17.05
CA SER A 346 5.61 -30.30 16.83
C SER A 346 4.93 -29.82 18.09
N VAL A 347 4.59 -28.54 18.13
CA VAL A 347 3.85 -27.98 19.26
C VAL A 347 2.43 -27.60 18.86
N GLN A 348 1.53 -27.62 19.84
CA GLN A 348 0.16 -27.17 19.67
C GLN A 348 0.03 -25.82 20.37
N ILE A 349 -0.62 -24.89 19.69
CA ILE A 349 -0.83 -23.54 20.20
C ILE A 349 -2.34 -23.31 20.12
N GLU A 350 -2.89 -22.76 21.18
CA GLU A 350 -4.33 -22.45 21.24
C GLU A 350 -4.57 -21.25 22.15
N ASP A 351 -5.75 -20.67 21.99
CA ASP A 351 -6.27 -19.70 22.95
C ASP A 351 -6.61 -20.47 24.22
N ALA A 352 -6.22 -19.93 25.38
CA ALA A 352 -6.53 -20.60 26.65
C ALA A 352 -8.03 -20.65 26.97
N ALA A 353 -8.78 -19.67 26.47
CA ALA A 353 -10.21 -19.51 26.80
C ALA A 353 -11.18 -19.96 25.71
N SER A 354 -10.67 -20.56 24.63
CA SER A 354 -11.51 -21.01 23.53
C SER A 354 -10.96 -22.29 22.91
N GLN A 355 -11.82 -23.27 22.71
CA GLN A 355 -11.43 -24.54 22.12
C GLN A 355 -11.98 -24.73 20.69
N SER A 356 -12.35 -23.62 20.05
CA SER A 356 -12.89 -23.64 18.70
C SER A 356 -11.79 -23.89 17.65
N ALA A 357 -10.55 -23.49 17.96
CA ALA A 357 -9.44 -23.59 17.01
C ALA A 357 -8.16 -24.08 17.66
N ALA A 358 -7.34 -24.78 16.88
CA ALA A 358 -6.02 -25.25 17.32
C ALA A 358 -5.02 -25.17 16.19
N TYR A 359 -3.76 -25.00 16.55
CA TYR A 359 -2.66 -24.79 15.60
C TYR A 359 -1.52 -25.73 15.95
N VAL A 360 -0.87 -26.28 14.92
CA VAL A 360 0.26 -27.21 15.09
C VAL A 360 1.41 -26.74 14.21
N VAL A 361 2.58 -26.57 14.84
CA VAL A 361 3.75 -26.03 14.19
C VAL A 361 4.97 -26.93 14.45
N MET A 362 5.64 -27.32 13.37
CA MET A 362 6.88 -28.08 13.44
C MET A 362 7.99 -27.20 14.03
N PRO A 363 8.95 -27.81 14.74
CA PRO A 363 10.09 -27.00 15.18
C PRO A 363 11.10 -26.76 14.02
N MET A 364 11.97 -25.77 14.21
CA MET A 364 13.03 -25.41 13.27
C MET A 364 14.38 -25.66 13.94
N ARG A 365 15.31 -26.29 13.24
CA ARG A 365 16.66 -26.50 13.76
C ARG A 365 17.53 -25.25 13.55
N LEU A 366 18.17 -24.74 14.61
CA LEU A 366 19.04 -23.55 14.52
C LEU A 366 20.47 -23.83 15.01
N MET B 1 31.18 5.68 24.76
CA MET B 1 29.87 6.33 24.46
C MET B 1 28.75 5.59 25.17
N LYS B 2 27.92 6.34 25.90
CA LYS B 2 26.80 5.78 26.62
C LYS B 2 25.64 6.76 26.66
N PHE B 3 24.42 6.26 26.51
CA PHE B 3 23.23 7.09 26.71
C PHE B 3 22.04 6.20 27.06
N THR B 4 21.05 6.78 27.74
CA THR B 4 19.77 6.13 27.98
C THR B 4 18.69 7.15 27.59
N VAL B 5 17.80 6.77 26.68
CA VAL B 5 16.74 7.67 26.17
CA VAL B 5 16.73 7.66 26.20
C VAL B 5 15.38 6.95 26.13
N GLU B 6 14.30 7.69 26.41
CA GLU B 6 12.96 7.13 26.28
C GLU B 6 12.65 6.84 24.81
N ARG B 7 12.00 5.70 24.56
CA ARG B 7 11.69 5.20 23.22
C ARG B 7 11.15 6.26 22.27
N GLU B 8 10.13 6.99 22.71
CA GLU B 8 9.44 7.93 21.82
C GLU B 8 10.26 9.19 21.52
N HIS B 9 11.27 9.48 22.31
CA HIS B 9 12.19 10.59 22.02
C HIS B 9 13.19 10.23 20.93
N LEU B 10 13.39 8.94 20.70
CA LEU B 10 14.31 8.43 19.68
C LEU B 10 13.65 8.01 18.37
N LEU B 11 12.36 7.68 18.40
CA LEU B 11 11.70 7.04 17.26
CA LEU B 11 11.70 7.05 17.26
C LEU B 11 11.54 7.97 16.04
N LYS B 12 10.98 9.16 16.23
CA LYS B 12 10.85 10.08 15.11
C LYS B 12 12.21 10.52 14.56
N PRO B 13 13.18 10.87 15.44
CA PRO B 13 14.51 11.15 14.92
C PRO B 13 15.13 10.04 14.08
N LEU B 14 15.04 8.80 14.55
CA LEU B 14 15.56 7.66 13.79
C LEU B 14 14.88 7.49 12.44
N GLN B 15 13.56 7.71 12.42
CA GLN B 15 12.80 7.58 11.18
C GLN B 15 13.25 8.68 10.21
N GLN B 16 13.38 9.91 10.68
CA GLN B 16 13.83 11.01 9.83
C GLN B 16 15.22 10.82 9.24
N VAL B 17 16.21 10.48 10.05
CA VAL B 17 17.61 10.41 9.57
C VAL B 17 17.85 9.18 8.67
N SER B 18 16.96 8.20 8.76
CA SER B 18 17.01 7.04 7.89
C SER B 18 16.47 7.31 6.48
N GLY B 19 15.82 8.46 6.30
CA GLY B 19 15.27 8.84 5.00
C GLY B 19 16.19 8.60 3.82
N PRO B 20 17.40 9.18 3.84
CA PRO B 20 18.34 9.04 2.70
C PRO B 20 18.80 7.60 2.39
N LEU B 21 18.54 6.65 3.29
CA LEU B 21 19.03 5.28 3.12
C LEU B 21 18.15 4.44 2.19
N GLY B 22 18.76 3.43 1.58
CA GLY B 22 18.06 2.50 0.70
C GLY B 22 17.90 1.12 1.33
N GLY B 23 17.05 0.29 0.70
CA GLY B 23 16.86 -1.08 1.14
C GLY B 23 18.11 -1.93 0.96
N ARG B 24 18.84 -1.68 -0.14
CA ARG B 24 20.09 -2.40 -0.44
C ARG B 24 21.27 -1.43 -0.49
N PRO B 25 21.85 -1.09 0.69
CA PRO B 25 23.00 -0.19 0.70
C PRO B 25 24.14 -0.72 -0.15
N THR B 26 24.79 0.19 -0.87
CA THR B 26 25.86 -0.18 -1.79
CA THR B 26 25.88 -0.13 -1.79
C THR B 26 27.07 -0.73 -1.04
N LEU B 27 27.48 -0.07 0.04
CA LEU B 27 28.52 -0.57 0.91
C LEU B 27 27.97 -0.48 2.33
N PRO B 28 28.43 -1.36 3.24
CA PRO B 28 27.80 -1.45 4.56
C PRO B 28 27.64 -0.15 5.35
N ILE B 29 28.67 0.68 5.39
CA ILE B 29 28.61 1.88 6.22
C ILE B 29 27.49 2.82 5.80
N LEU B 30 27.09 2.75 4.53
CA LEU B 30 25.97 3.56 4.02
C LEU B 30 24.60 3.09 4.49
N GLY B 31 24.52 1.90 5.09
CA GLY B 31 23.31 1.45 5.75
C GLY B 31 23.34 1.71 7.25
N ASN B 32 24.39 2.39 7.72
CA ASN B 32 24.55 2.73 9.12
C ASN B 32 24.18 4.16 9.39
N LEU B 33 23.79 4.43 10.64
CA LEU B 33 23.69 5.79 11.15
C LEU B 33 24.89 6.11 12.05
N LEU B 34 25.36 7.34 11.95
CA LEU B 34 26.38 7.89 12.84
C LEU B 34 25.72 8.37 14.12
N LEU B 35 26.17 7.85 15.26
CA LEU B 35 25.73 8.28 16.58
C LEU B 35 26.87 9.01 17.27
N GLN B 36 26.59 10.22 17.76
CA GLN B 36 27.60 11.04 18.46
C GLN B 36 27.01 11.60 19.73
N VAL B 37 27.69 11.38 20.86
CA VAL B 37 27.29 11.98 22.14
C VAL B 37 28.34 13.06 22.47
N ALA B 38 27.88 14.29 22.66
CA ALA B 38 28.79 15.40 22.94
C ALA B 38 27.97 16.57 23.46
N ASP B 39 28.47 17.22 24.51
CA ASP B 39 27.80 18.37 25.15
CA ASP B 39 27.80 18.38 25.14
C ASP B 39 26.31 18.15 25.38
N GLY B 40 25.96 17.07 26.07
CA GLY B 40 24.56 16.79 26.42
C GLY B 40 23.59 16.47 25.29
N THR B 41 24.13 16.12 24.14
CA THR B 41 23.32 15.90 22.96
C THR B 41 23.71 14.63 22.23
N LEU B 42 22.70 13.86 21.84
CA LEU B 42 22.91 12.74 20.92
C LEU B 42 22.59 13.28 19.52
N SER B 43 23.56 13.19 18.60
CA SER B 43 23.32 13.52 17.21
C SER B 43 23.26 12.23 16.41
N LEU B 44 22.31 12.17 15.48
CA LEU B 44 22.11 11.03 14.62
C LEU B 44 22.22 11.52 13.18
N THR B 45 23.01 10.85 12.36
CA THR B 45 23.18 11.27 10.97
C THR B 45 23.05 10.09 10.04
N GLY B 46 22.28 10.28 8.97
CA GLY B 46 22.22 9.35 7.86
C GLY B 46 22.60 10.02 6.55
N THR B 47 23.24 9.28 5.64
CA THR B 47 23.71 9.87 4.38
C THR B 47 23.63 8.89 3.21
N ASP B 48 23.57 9.42 2.00
CA ASP B 48 23.75 8.61 0.79
C ASP B 48 24.90 9.13 -0.08
N LEU B 49 25.77 9.93 0.54
CA LEU B 49 26.93 10.57 -0.08
C LEU B 49 26.60 11.86 -0.85
N GLU B 50 25.34 12.04 -1.22
CA GLU B 50 24.86 13.28 -1.86
C GLU B 50 24.20 14.23 -0.85
N MET B 51 23.51 13.66 0.12
CA MET B 51 22.80 14.45 1.11
C MET B 51 22.92 13.78 2.46
N GLU B 52 22.67 14.57 3.50
CA GLU B 52 22.72 14.08 4.89
CA GLU B 52 22.64 14.01 4.84
C GLU B 52 21.48 14.59 5.62
N MET B 53 20.96 13.78 6.53
CA MET B 53 19.92 14.25 7.46
C MET B 53 20.47 14.03 8.86
N VAL B 54 20.41 15.08 9.68
CA VAL B 54 20.94 15.09 11.03
C VAL B 54 19.81 15.40 12.02
N ALA B 55 19.76 14.66 13.12
CA ALA B 55 18.81 14.94 14.19
C ALA B 55 19.56 15.17 15.49
N ARG B 56 19.11 16.14 16.29
CA ARG B 56 19.72 16.40 17.60
C ARG B 56 18.71 15.99 18.67
N VAL B 57 19.11 15.10 19.56
CA VAL B 57 18.22 14.75 20.63
C VAL B 57 18.87 15.02 21.99
N ALA B 58 18.18 15.84 22.76
CA ALA B 58 18.67 16.25 24.06
C ALA B 58 18.69 15.05 25.01
N LEU B 59 19.69 15.00 25.89
CA LEU B 59 19.88 13.88 26.82
C LEU B 59 19.67 14.36 28.24
N VAL B 60 18.61 13.88 28.87
CA VAL B 60 18.26 14.25 30.25
C VAL B 60 18.70 13.22 31.28
N GLN B 61 19.14 12.05 30.81
CA GLN B 61 19.60 10.97 31.68
C GLN B 61 21.12 10.93 31.58
N PRO B 62 21.81 10.31 32.57
CA PRO B 62 23.29 10.22 32.48
C PRO B 62 23.81 9.68 31.13
N HIS B 63 24.94 10.25 30.69
CA HIS B 63 25.55 9.91 29.41
C HIS B 63 27.08 10.06 29.45
N GLU B 64 27.74 9.43 28.49
CA GLU B 64 29.18 9.54 28.34
CA GLU B 64 29.18 9.53 28.35
C GLU B 64 29.50 9.78 26.88
N PRO B 65 30.42 10.73 26.60
CA PRO B 65 30.68 11.07 25.20
C PRO B 65 31.37 10.00 24.38
N GLY B 66 31.24 10.14 23.06
CA GLY B 66 31.87 9.26 22.09
C GLY B 66 30.98 9.05 20.87
N ALA B 67 31.48 8.29 19.92
CA ALA B 67 30.77 8.12 18.65
C ALA B 67 31.04 6.76 18.00
N THR B 68 30.06 6.29 17.25
CA THR B 68 30.18 5.05 16.49
C THR B 68 29.15 5.09 15.37
N THR B 69 29.12 4.05 14.54
CA THR B 69 28.03 3.88 13.57
C THR B 69 27.43 2.48 13.72
N VAL B 70 26.12 2.37 13.52
CA VAL B 70 25.36 1.10 13.62
C VAL B 70 24.29 0.97 12.54
N PRO B 71 23.88 -0.27 12.20
CA PRO B 71 22.86 -0.48 11.16
C PRO B 71 21.53 0.22 11.47
N ALA B 72 21.10 1.06 10.54
CA ALA B 72 19.93 1.92 10.76
C ALA B 72 18.62 1.13 10.89
N ARG B 73 18.36 0.24 9.94
CA ARG B 73 17.12 -0.55 9.95
C ARG B 73 16.99 -1.40 11.24
N LYS B 74 18.04 -2.13 11.59
CA LYS B 74 18.00 -2.96 12.80
C LYS B 74 17.79 -2.11 14.06
N PHE B 75 18.50 -0.98 14.17
CA PHE B 75 18.41 -0.15 15.38
C PHE B 75 17.02 0.46 15.47
N PHE B 76 16.51 0.96 14.34
CA PHE B 76 15.15 1.51 14.33
C PHE B 76 14.08 0.46 14.69
N ASP B 77 14.15 -0.71 14.08
CA ASP B 77 13.16 -1.78 14.33
C ASP B 77 13.19 -2.23 15.80
N ILE B 78 14.38 -2.28 16.38
CA ILE B 78 14.51 -2.60 17.82
C ILE B 78 13.77 -1.59 18.68
N CYS B 79 14.11 -0.31 18.48
CA CYS B 79 13.45 0.76 19.22
C CYS B 79 11.92 0.74 19.01
N ARG B 80 11.48 0.63 17.77
CA ARG B 80 10.03 0.57 17.45
C ARG B 80 9.32 -0.61 18.12
N GLY B 81 10.02 -1.72 18.23
CA GLY B 81 9.42 -2.95 18.74
C GLY B 81 9.31 -3.00 20.25
N LEU B 82 10.05 -2.14 20.94
CA LEU B 82 10.00 -2.12 22.40
C LEU B 82 8.66 -1.49 22.85
N PRO B 83 8.22 -1.80 24.08
CA PRO B 83 6.94 -1.28 24.58
C PRO B 83 6.89 0.24 24.74
N GLU B 84 5.69 0.81 24.63
CA GLU B 84 5.49 2.24 24.87
C GLU B 84 6.18 2.64 26.16
N GLY B 85 7.00 3.69 26.07
CA GLY B 85 7.68 4.26 27.22
C GLY B 85 8.95 3.54 27.63
N ALA B 86 9.39 2.57 26.83
CA ALA B 86 10.59 1.82 27.14
C ALA B 86 11.79 2.76 27.26
N GLU B 87 12.63 2.49 28.25
CA GLU B 87 13.88 3.21 28.44
C GLU B 87 14.95 2.44 27.71
N ILE B 88 15.62 3.10 26.77
CA ILE B 88 16.59 2.43 25.89
C ILE B 88 18.01 2.82 26.26
N ALA B 89 18.74 1.86 26.85
CA ALA B 89 20.11 2.08 27.31
C ALA B 89 21.08 1.53 26.27
N VAL B 90 22.04 2.38 25.88
CA VAL B 90 23.00 2.08 24.82
C VAL B 90 24.44 2.30 25.30
N GLN B 91 25.31 1.33 25.03
CA GLN B 91 26.72 1.41 25.41
C GLN B 91 27.61 0.85 24.31
N LEU B 92 28.58 1.66 23.86
CA LEU B 92 29.54 1.25 22.84
C LEU B 92 30.62 0.34 23.45
N GLU B 93 30.84 -0.81 22.82
CA GLU B 93 31.85 -1.77 23.28
C GLU B 93 32.69 -2.25 22.10
N GLY B 94 33.53 -1.33 21.62
CA GLY B 94 34.40 -1.57 20.47
C GLY B 94 33.67 -1.89 19.18
N GLU B 95 33.77 -3.15 18.78
CA GLU B 95 33.20 -3.65 17.53
C GLU B 95 31.70 -3.99 17.64
N ARG B 96 31.13 -3.84 18.85
CA ARG B 96 29.69 -3.98 19.11
C ARG B 96 29.14 -2.78 19.86
N MET B 97 27.85 -2.52 19.63
CA MET B 97 27.06 -1.61 20.46
C MET B 97 25.94 -2.41 21.11
N LEU B 98 25.86 -2.32 22.44
CA LEU B 98 24.84 -3.02 23.21
C LEU B 98 23.65 -2.13 23.48
N VAL B 99 22.45 -2.69 23.34
CA VAL B 99 21.20 -1.99 23.56
C VAL B 99 20.38 -2.81 24.52
N ARG B 100 19.93 -2.20 25.61
CA ARG B 100 19.20 -2.92 26.64
C ARG B 100 17.96 -2.12 27.01
N SER B 101 16.87 -2.83 27.24
CA SER B 101 15.64 -2.22 27.74
C SER B 101 14.88 -3.32 28.45
N GLY B 102 14.58 -3.11 29.73
CA GLY B 102 13.90 -4.13 30.51
C GLY B 102 14.74 -5.37 30.53
N ARG B 103 14.20 -6.50 30.08
CA ARG B 103 14.97 -7.73 29.95
C ARG B 103 15.15 -8.13 28.49
N SER B 104 15.28 -7.12 27.64
CA SER B 104 15.54 -7.29 26.22
C SER B 104 16.95 -6.77 25.99
N ARG B 105 17.79 -7.56 25.32
CA ARG B 105 19.21 -7.24 25.09
C ARG B 105 19.57 -7.49 23.63
N PHE B 106 20.30 -6.56 23.03
CA PHE B 106 20.68 -6.65 21.61
C PHE B 106 22.13 -6.21 21.46
N SER B 107 22.87 -6.91 20.61
CA SER B 107 24.26 -6.59 20.27
C SER B 107 24.28 -6.31 18.76
N LEU B 108 24.68 -5.09 18.38
CA LEU B 108 24.77 -4.66 16.98
C LEU B 108 26.23 -4.47 16.58
N SER B 109 26.58 -4.83 15.35
CA SER B 109 27.97 -4.70 14.88
C SER B 109 28.22 -3.24 14.46
N THR B 110 29.38 -2.71 14.82
CA THR B 110 29.69 -1.31 14.55
C THR B 110 30.74 -1.15 13.45
N LEU B 111 30.79 0.04 12.88
CA LEU B 111 31.92 0.50 12.07
C LEU B 111 32.33 1.87 12.60
N PRO B 112 33.64 2.18 12.56
CA PRO B 112 34.14 3.41 13.18
C PRO B 112 33.47 4.71 12.70
N ALA B 113 33.19 5.59 13.67
CA ALA B 113 32.74 6.95 13.36
C ALA B 113 33.72 7.69 12.44
N ALA B 114 35.01 7.44 12.60
CA ALA B 114 36.05 8.06 11.76
C ALA B 114 35.94 7.69 10.28
N ASP B 115 35.28 6.58 9.97
CA ASP B 115 35.12 6.14 8.58
C ASP B 115 33.79 6.60 7.98
N PHE B 116 32.92 7.20 8.78
CA PHE B 116 31.62 7.63 8.27
C PHE B 116 31.82 8.78 7.30
N PRO B 117 31.25 8.66 6.08
CA PRO B 117 31.51 9.72 5.11
C PRO B 117 30.89 11.05 5.54
N ASN B 118 31.67 12.10 5.45
CA ASN B 118 31.31 13.42 5.93
C ASN B 118 31.11 14.32 4.70
N LEU B 119 30.01 15.08 4.61
CA LEU B 119 29.89 16.08 3.55
C LEU B 119 30.93 17.16 3.83
N ASP B 120 31.62 17.61 2.78
CA ASP B 120 32.63 18.66 2.93
C ASP B 120 32.03 19.95 3.47
N ASP B 121 32.84 20.71 4.19
CA ASP B 121 32.41 22.01 4.68
C ASP B 121 32.22 22.93 3.49
N TRP B 122 31.44 23.98 3.70
CA TRP B 122 31.14 24.93 2.62
C TRP B 122 30.65 26.23 3.25
N GLN B 123 30.51 27.25 2.43
CA GLN B 123 30.13 28.58 2.89
CA GLN B 123 30.11 28.58 2.91
C GLN B 123 28.80 28.99 2.30
N SER B 124 27.91 29.48 3.17
CA SER B 124 26.63 30.03 2.78
C SER B 124 26.81 31.38 2.07
N GLU B 125 26.04 31.59 1.01
CA GLU B 125 26.00 32.86 0.28
C GLU B 125 24.66 33.57 0.36
N VAL B 126 23.59 32.85 0.69
CA VAL B 126 22.29 33.48 0.91
C VAL B 126 21.57 32.68 1.99
N GLU B 127 20.87 33.41 2.84
CA GLU B 127 20.17 32.83 3.97
C GLU B 127 18.86 33.54 4.19
N PHE B 128 17.83 32.76 4.50
CA PHE B 128 16.51 33.32 4.80
C PHE B 128 15.67 32.35 5.63
N THR B 129 14.67 32.91 6.29
CA THR B 129 13.71 32.14 7.07
C THR B 129 12.35 32.28 6.39
N LEU B 130 11.57 31.20 6.40
CA LEU B 130 10.19 31.23 5.89
C LEU B 130 9.32 30.18 6.58
N PRO B 131 7.99 30.37 6.54
CA PRO B 131 7.08 29.35 7.08
C PRO B 131 7.23 27.98 6.41
N GLN B 132 7.08 26.92 7.20
CA GLN B 132 7.06 25.55 6.63
C GLN B 132 6.03 25.43 5.52
N ALA B 133 4.83 25.96 5.77
CA ALA B 133 3.74 25.91 4.79
C ALA B 133 4.10 26.46 3.42
N THR B 134 4.94 27.49 3.37
CA THR B 134 5.34 28.12 2.11
C THR B 134 6.27 27.20 1.31
N MET B 135 7.26 26.62 1.98
CA MET B 135 8.15 25.63 1.34
C MET B 135 7.36 24.38 0.90
N LYS B 136 6.40 23.96 1.73
CA LYS B 136 5.49 22.87 1.40
C LYS B 136 4.72 23.16 0.10
N ARG B 137 4.16 24.36 0.02
CA ARG B 137 3.40 24.80 -1.15
C ARG B 137 4.29 24.84 -2.39
N LEU B 138 5.48 25.41 -2.25
CA LEU B 138 6.43 25.50 -3.36
C LEU B 138 6.79 24.13 -3.96
N ILE B 139 7.07 23.15 -3.10
CA ILE B 139 7.46 21.82 -3.55
C ILE B 139 6.26 21.02 -4.06
N GLU B 140 5.16 20.99 -3.31
CA GLU B 140 3.98 20.23 -3.73
C GLU B 140 3.41 20.73 -5.06
N ALA B 141 3.54 22.03 -5.31
CA ALA B 141 3.01 22.62 -6.54
C ALA B 141 3.76 22.13 -7.79
N THR B 142 5.00 21.69 -7.62
CA THR B 142 5.89 21.42 -8.76
C THR B 142 6.59 20.04 -8.83
N GLN B 143 6.72 19.37 -7.69
N GLN B 143 6.71 19.34 -7.71
CA GLN B 143 7.41 18.09 -7.55
CA GLN B 143 7.49 18.11 -7.61
C GLN B 143 7.11 17.07 -8.64
C GLN B 143 7.12 17.04 -8.64
N PHE B 144 5.83 16.88 -8.93
CA PHE B 144 5.38 15.88 -9.91
C PHE B 144 5.91 16.10 -11.34
N SER B 145 6.35 17.30 -11.67
CA SER B 145 6.89 17.56 -13.02
C SER B 145 8.39 17.32 -13.16
N MET B 146 9.08 16.99 -12.07
CA MET B 146 10.49 16.60 -12.16
C MET B 146 10.64 15.36 -13.02
N ALA B 147 11.73 15.28 -13.75
CA ALA B 147 12.05 14.04 -14.45
C ALA B 147 12.47 12.97 -13.45
N HIS B 148 12.31 11.71 -13.85
CA HIS B 148 12.77 10.53 -13.11
C HIS B 148 13.77 9.78 -13.98
N GLN B 149 15.02 9.77 -13.55
CA GLN B 149 16.10 9.06 -14.23
C GLN B 149 16.29 9.42 -15.71
N ASP B 150 16.09 10.68 -16.06
CA ASP B 150 16.32 11.13 -17.44
C ASP B 150 17.84 11.22 -17.72
N VAL B 151 18.24 10.93 -18.96
CA VAL B 151 19.65 11.04 -19.36
C VAL B 151 20.12 12.51 -19.20
N ARG B 152 19.18 13.44 -19.34
CA ARG B 152 19.48 14.83 -19.02
C ARG B 152 19.47 15.02 -17.50
N TYR B 153 20.63 14.78 -16.88
CA TYR B 153 20.76 14.80 -15.42
C TYR B 153 20.18 16.06 -14.78
N TYR B 154 20.28 17.19 -15.49
CA TYR B 154 19.80 18.48 -14.99
C TYR B 154 18.30 18.54 -14.72
N LEU B 155 17.52 17.64 -15.30
CA LEU B 155 16.06 17.63 -15.11
C LEU B 155 15.59 16.78 -13.95
N ASN B 156 16.47 15.92 -13.44
CA ASN B 156 16.13 15.03 -12.33
C ASN B 156 16.29 15.77 -11.00
N GLY B 157 15.58 16.86 -10.85
CA GLY B 157 15.74 17.72 -9.69
C GLY B 157 14.84 18.91 -9.85
N MET B 158 14.94 19.85 -8.91
CA MET B 158 14.07 21.00 -8.89
C MET B 158 14.90 22.29 -8.79
N LEU B 159 14.61 23.26 -9.64
CA LEU B 159 15.23 24.58 -9.56
C LEU B 159 14.63 25.37 -8.41
N PHE B 160 15.52 25.94 -7.59
CA PHE B 160 15.14 26.88 -6.53
C PHE B 160 15.81 28.19 -6.90
N GLU B 161 15.00 29.24 -6.96
CA GLU B 161 15.43 30.53 -7.44
C GLU B 161 15.03 31.59 -6.43
N THR B 162 16.01 32.37 -5.99
CA THR B 162 15.74 33.52 -5.13
C THR B 162 15.90 34.77 -5.97
N GLU B 163 14.99 35.73 -5.81
CA GLU B 163 15.07 36.96 -6.59
C GLU B 163 14.20 38.02 -5.95
N GLY B 164 14.82 38.99 -5.30
CA GLY B 164 14.07 40.04 -4.59
C GLY B 164 13.30 39.44 -3.44
N GLU B 165 12.02 39.77 -3.34
CA GLU B 165 11.17 39.24 -2.27
C GLU B 165 10.41 38.01 -2.71
N GLU B 166 11.04 37.18 -3.54
CA GLU B 166 10.39 35.98 -4.08
C GLU B 166 11.27 34.75 -4.03
N LEU B 167 10.67 33.62 -3.64
CA LEU B 167 11.29 32.32 -3.80
C LEU B 167 10.44 31.56 -4.84
N ARG B 168 11.13 30.94 -5.79
CA ARG B 168 10.46 30.28 -6.91
C ARG B 168 10.99 28.87 -7.11
N THR B 169 10.10 27.94 -7.45
CA THR B 169 10.49 26.57 -7.78
C THR B 169 10.08 26.26 -9.22
N VAL B 170 10.91 25.51 -9.90
CA VAL B 170 10.61 25.10 -11.29
C VAL B 170 11.00 23.64 -11.47
N ALA B 171 10.15 22.88 -12.18
CA ALA B 171 10.39 21.48 -12.44
C ALA B 171 9.87 21.13 -13.82
N THR B 172 10.64 20.33 -14.56
CA THR B 172 10.21 19.93 -15.89
C THR B 172 10.90 18.64 -16.31
N ASP B 173 10.21 17.87 -17.15
CA ASP B 173 10.78 16.63 -17.67
C ASP B 173 10.91 16.68 -19.20
N GLY B 174 10.80 17.89 -19.76
CA GLY B 174 10.87 18.10 -21.21
C GLY B 174 9.52 18.09 -21.90
N HIS B 175 8.52 17.46 -21.29
CA HIS B 175 7.18 17.34 -21.86
C HIS B 175 6.16 18.25 -21.18
N ARG B 176 6.33 18.46 -19.89
CA ARG B 176 5.47 19.34 -19.12
C ARG B 176 6.32 20.07 -18.05
N LEU B 177 5.88 21.26 -17.68
CA LEU B 177 6.61 22.11 -16.76
C LEU B 177 5.69 22.67 -15.68
N ALA B 178 6.24 22.81 -14.47
CA ALA B 178 5.53 23.44 -13.35
C ALA B 178 6.41 24.54 -12.75
N VAL B 179 5.81 25.70 -12.49
CA VAL B 179 6.50 26.79 -11.82
C VAL B 179 5.60 27.36 -10.71
N CYS B 180 6.20 27.66 -9.56
CA CYS B 180 5.46 28.25 -8.45
C CYS B 180 6.35 29.33 -7.81
N SER B 181 5.74 30.48 -7.49
CA SER B 181 6.44 31.59 -6.84
C SER B 181 5.67 32.03 -5.61
N MET B 182 6.39 32.29 -4.52
CA MET B 182 5.80 32.74 -3.26
C MET B 182 6.60 33.91 -2.68
N PRO B 183 5.91 34.91 -2.08
CA PRO B 183 6.60 36.02 -1.40
C PRO B 183 7.32 35.57 -0.13
N ILE B 184 8.37 36.29 0.26
CA ILE B 184 9.18 35.90 1.42
CA ILE B 184 9.23 35.91 1.39
C ILE B 184 9.35 37.02 2.43
N GLY B 185 9.36 38.27 2.00
CA GLY B 185 9.44 39.39 2.96
C GLY B 185 10.84 39.77 3.43
N GLN B 186 11.86 39.08 2.90
CA GLN B 186 13.24 39.54 2.90
C GLN B 186 13.59 39.76 1.43
N SER B 187 14.41 40.76 1.14
CA SER B 187 14.95 40.92 -0.20
C SER B 187 16.19 40.05 -0.33
N LEU B 188 16.23 39.19 -1.34
CA LEU B 188 17.34 38.23 -1.49
C LEU B 188 18.16 38.51 -2.73
N PRO B 189 19.47 38.22 -2.66
CA PRO B 189 20.27 38.26 -3.88
C PRO B 189 19.79 37.21 -4.88
N SER B 190 20.17 37.40 -6.14
CA SER B 190 19.80 36.48 -7.20
C SER B 190 20.67 35.24 -7.13
N HIS B 191 20.01 34.09 -6.91
CA HIS B 191 20.66 32.79 -6.94
C HIS B 191 19.72 31.79 -7.58
N SER B 192 20.28 30.84 -8.31
CA SER B 192 19.51 29.80 -8.95
C SER B 192 20.27 28.49 -8.82
N VAL B 193 19.65 27.50 -8.18
CA VAL B 193 20.31 26.22 -7.89
C VAL B 193 19.36 25.04 -8.15
N ILE B 194 19.95 23.87 -8.40
CA ILE B 194 19.17 22.67 -8.69
C ILE B 194 19.35 21.69 -7.54
N VAL B 195 18.25 21.39 -6.85
CA VAL B 195 18.25 20.42 -5.77
C VAL B 195 17.91 19.03 -6.37
N PRO B 196 18.74 18.01 -6.06
CA PRO B 196 18.47 16.67 -6.62
C PRO B 196 17.10 16.13 -6.15
N ARG B 197 16.44 15.38 -7.04
CA ARG B 197 15.15 14.69 -6.78
C ARG B 197 14.98 14.17 -5.36
N LYS B 198 15.92 13.30 -4.96
CA LYS B 198 15.87 12.65 -3.66
C LYS B 198 15.86 13.64 -2.52
N GLY B 199 16.64 14.70 -2.65
CA GLY B 199 16.70 15.76 -1.66
C GLY B 199 15.44 16.58 -1.58
N VAL B 200 14.79 16.79 -2.72
CA VAL B 200 13.51 17.49 -2.71
C VAL B 200 12.47 16.73 -1.88
N ILE B 201 12.45 15.40 -2.07
CA ILE B 201 11.51 14.54 -1.36
C ILE B 201 11.83 14.57 0.14
N GLU B 202 13.11 14.51 0.51
CA GLU B 202 13.50 14.56 1.93
C GLU B 202 13.13 15.88 2.59
N LEU B 203 13.38 16.97 1.88
CA LEU B 203 13.01 18.29 2.33
C LEU B 203 11.51 18.34 2.60
N MET B 204 10.73 17.88 1.62
CA MET B 204 9.27 17.87 1.73
CA MET B 204 9.27 17.89 1.73
C MET B 204 8.82 17.11 2.98
N ARG B 205 9.40 15.94 3.22
CA ARG B 205 8.99 15.05 4.30
CA ARG B 205 8.91 15.12 4.32
C ARG B 205 9.50 15.47 5.69
N MET B 206 10.41 16.44 5.76
CA MET B 206 10.90 16.94 7.06
C MET B 206 10.01 18.05 7.63
N LEU B 207 9.06 18.54 6.84
CA LEU B 207 8.17 19.62 7.24
C LEU B 207 6.99 19.02 7.99
N ASP B 208 6.92 19.27 9.30
CA ASP B 208 5.89 18.69 10.16
C ASP B 208 4.55 19.42 10.05
N GLY B 209 4.55 20.63 9.49
CA GLY B 209 3.34 21.42 9.33
C GLY B 209 2.89 22.06 10.64
N GLY B 210 3.85 22.37 11.50
CA GLY B 210 3.60 23.11 12.73
C GLY B 210 4.16 24.52 12.56
N ASP B 211 4.24 25.26 13.66
CA ASP B 211 4.62 26.68 13.60
C ASP B 211 6.13 26.96 13.66
N ASN B 212 6.95 25.93 13.74
CA ASN B 212 8.41 26.10 13.67
C ASN B 212 8.78 26.71 12.32
N PRO B 213 9.59 27.78 12.32
CA PRO B 213 10.05 28.28 11.03
C PRO B 213 11.13 27.38 10.40
N LEU B 214 11.33 27.53 9.10
CA LEU B 214 12.37 26.83 8.36
C LEU B 214 13.46 27.86 8.09
N ARG B 215 14.73 27.50 8.31
CA ARG B 215 15.85 28.39 7.96
C ARG B 215 16.62 27.73 6.84
N VAL B 216 16.80 28.46 5.75
CA VAL B 216 17.46 27.96 4.55
C VAL B 216 18.77 28.71 4.31
N GLN B 217 19.82 27.95 4.00
CA GLN B 217 21.10 28.53 3.60
C GLN B 217 21.51 27.90 2.28
N ILE B 218 21.97 28.73 1.35
CA ILE B 218 22.37 28.24 0.04
C ILE B 218 23.79 28.72 -0.30
N GLY B 219 24.62 27.78 -0.73
CA GLY B 219 25.96 28.08 -1.21
C GLY B 219 26.02 27.86 -2.70
N SER B 220 27.23 27.92 -3.26
CA SER B 220 27.41 27.66 -4.69
C SER B 220 27.13 26.20 -5.06
N ASN B 221 27.37 25.28 -4.12
CA ASN B 221 27.31 23.84 -4.40
C ASN B 221 26.56 23.00 -3.36
N ASN B 222 25.89 23.66 -2.43
CA ASN B 222 25.16 23.00 -1.35
C ASN B 222 23.93 23.82 -0.95
N ILE B 223 22.95 23.15 -0.36
CA ILE B 223 21.80 23.77 0.29
C ILE B 223 21.63 23.14 1.68
N ARG B 224 21.14 23.91 2.64
CA ARG B 224 20.86 23.41 4.01
C ARG B 224 19.53 23.98 4.47
N ALA B 225 18.73 23.15 5.12
CA ALA B 225 17.46 23.56 5.73
C ALA B 225 17.44 23.04 7.16
N HIS B 226 17.07 23.93 8.09
CA HIS B 226 17.03 23.65 9.52
C HIS B 226 15.58 23.82 9.95
N VAL B 227 14.98 22.75 10.50
CA VAL B 227 13.61 22.76 11.03
CA VAL B 227 13.65 22.86 11.09
C VAL B 227 13.63 22.10 12.41
N GLY B 228 13.24 22.83 13.47
CA GLY B 228 13.27 22.28 14.81
C GLY B 228 14.66 21.75 15.10
N ASP B 229 14.75 20.48 15.46
CA ASP B 229 16.03 19.85 15.79
C ASP B 229 16.56 18.96 14.67
N PHE B 230 16.15 19.26 13.44
CA PHE B 230 16.59 18.51 12.27
C PHE B 230 17.34 19.43 11.32
N ILE B 231 18.44 18.93 10.76
CA ILE B 231 19.22 19.66 9.76
C ILE B 231 19.40 18.78 8.53
N PHE B 232 18.88 19.26 7.40
CA PHE B 232 19.03 18.61 6.10
C PHE B 232 20.08 19.37 5.30
N THR B 233 21.07 18.66 4.76
CA THR B 233 22.05 19.26 3.87
C THR B 233 22.19 18.41 2.61
N SER B 234 22.19 19.04 1.44
CA SER B 234 22.43 18.32 0.19
C SER B 234 23.44 19.04 -0.71
N LYS B 235 24.26 18.25 -1.42
CA LYS B 235 24.95 18.75 -2.59
C LYS B 235 23.94 19.16 -3.66
N LEU B 236 24.34 20.15 -4.48
CA LEU B 236 23.50 20.59 -5.59
C LEU B 236 23.86 19.85 -6.87
N VAL B 237 22.90 19.80 -7.80
CA VAL B 237 23.14 19.24 -9.13
C VAL B 237 23.91 20.28 -9.92
N ASP B 238 25.08 19.89 -10.41
CA ASP B 238 26.02 20.82 -11.04
C ASP B 238 25.66 20.94 -12.52
N GLY B 239 24.63 21.74 -12.80
CA GLY B 239 24.14 21.93 -14.16
C GLY B 239 23.47 23.27 -14.33
N ARG B 240 23.16 23.63 -15.56
CA ARG B 240 22.45 24.88 -15.84
C ARG B 240 21.05 24.54 -16.27
N PHE B 241 20.06 24.97 -15.50
CA PHE B 241 18.67 24.62 -15.76
C PHE B 241 18.20 25.43 -16.98
N PRO B 242 17.50 24.79 -17.92
CA PRO B 242 17.02 25.61 -19.05
C PRO B 242 16.06 26.71 -18.57
N ASP B 243 15.96 27.81 -19.28
CA ASP B 243 15.15 28.94 -18.80
C ASP B 243 13.63 28.70 -18.96
N TYR B 244 12.89 28.75 -17.84
CA TYR B 244 11.44 28.54 -17.84
C TYR B 244 10.68 29.63 -18.60
N ARG B 245 11.19 30.85 -18.50
CA ARG B 245 10.54 32.03 -19.07
C ARG B 245 10.24 31.85 -20.56
N ARG B 246 11.16 31.20 -21.27
CA ARG B 246 11.04 31.04 -22.72
C ARG B 246 10.11 29.90 -23.14
N VAL B 247 9.70 29.03 -22.21
CA VAL B 247 8.79 27.92 -22.54
C VAL B 247 7.32 28.29 -22.34
N LEU B 248 7.05 29.31 -21.52
CA LEU B 248 5.67 29.81 -21.34
C LEU B 248 5.15 30.34 -22.67
N PRO B 249 3.95 29.90 -23.10
CA PRO B 249 3.37 30.43 -24.33
C PRO B 249 3.38 31.97 -24.38
N LYS B 250 3.82 32.52 -25.51
CA LYS B 250 4.04 33.97 -25.62
C LYS B 250 2.76 34.79 -25.56
N ASN B 251 1.80 34.42 -26.41
CA ASN B 251 0.53 35.15 -26.50
C ASN B 251 -0.66 34.20 -26.59
N PRO B 252 -1.04 33.57 -25.45
CA PRO B 252 -2.14 32.61 -25.43
C PRO B 252 -3.51 33.28 -25.24
N ASP B 253 -4.11 33.69 -26.36
CA ASP B 253 -5.31 34.54 -26.35
C ASP B 253 -6.65 33.79 -26.19
N LYS B 254 -6.64 32.46 -26.25
CA LYS B 254 -7.86 31.68 -26.05
C LYS B 254 -7.92 31.18 -24.62
N HIS B 255 -8.83 31.74 -23.82
CA HIS B 255 -8.96 31.47 -22.39
C HIS B 255 -10.21 30.61 -22.14
N LEU B 256 -10.05 29.48 -21.49
CA LEU B 256 -11.18 28.65 -21.07
C LEU B 256 -11.22 28.52 -19.55
N GLU B 257 -12.41 28.65 -18.97
CA GLU B 257 -12.56 28.43 -17.53
C GLU B 257 -13.65 27.42 -17.22
N ALA B 258 -13.35 26.52 -16.28
CA ALA B 258 -14.29 25.48 -15.89
C ALA B 258 -13.96 24.96 -14.50
N GLY B 259 -14.92 24.29 -13.87
CA GLY B 259 -14.71 23.73 -12.54
C GLY B 259 -13.66 22.64 -12.55
N CYS B 260 -12.78 22.66 -11.55
CA CYS B 260 -11.64 21.73 -11.51
C CYS B 260 -12.07 20.29 -11.39
N ASP B 261 -13.02 20.02 -10.50
CA ASP B 261 -13.46 18.65 -10.26
C ASP B 261 -14.28 18.10 -11.44
N LEU B 262 -15.14 18.94 -12.01
CA LEU B 262 -15.87 18.53 -13.21
C LEU B 262 -14.90 18.16 -14.34
N LEU B 263 -13.86 18.99 -14.54
CA LEU B 263 -12.83 18.72 -15.54
C LEU B 263 -12.08 17.43 -15.18
N LYS B 264 -11.64 17.33 -13.93
CA LYS B 264 -10.85 16.15 -13.49
C LYS B 264 -11.62 14.84 -13.69
N GLN B 265 -12.87 14.80 -13.25
CA GLN B 265 -13.65 13.57 -13.39
C GLN B 265 -13.94 13.19 -14.84
N ALA B 266 -14.15 14.18 -15.69
CA ALA B 266 -14.40 13.92 -17.11
C ALA B 266 -13.15 13.38 -17.80
N PHE B 267 -12.00 13.99 -17.53
CA PHE B 267 -10.75 13.47 -18.07
C PHE B 267 -10.49 12.06 -17.53
N ALA B 268 -10.78 11.83 -16.25
CA ALA B 268 -10.51 10.50 -15.65
C ALA B 268 -11.38 9.40 -16.30
N ARG B 269 -12.66 9.69 -16.58
CA ARG B 269 -13.53 8.74 -17.28
C ARG B 269 -13.10 8.49 -18.73
N ALA B 270 -12.84 9.57 -19.48
CA ALA B 270 -12.35 9.46 -20.87
C ALA B 270 -11.05 8.64 -20.95
N ALA B 271 -10.18 8.83 -19.96
CA ALA B 271 -8.88 8.14 -19.93
C ALA B 271 -9.03 6.62 -19.93
N ILE B 272 -10.13 6.13 -19.36
CA ILE B 272 -10.42 4.68 -19.34
C ILE B 272 -10.33 4.06 -20.74
N LEU B 273 -10.79 4.80 -21.76
CA LEU B 273 -10.79 4.31 -23.14
C LEU B 273 -9.74 4.99 -24.04
N SER B 274 -8.68 5.52 -23.45
CA SER B 274 -7.53 6.06 -24.20
C SER B 274 -6.52 4.96 -24.48
N ASN B 275 -5.67 5.17 -25.47
CA ASN B 275 -4.58 4.26 -25.80
C ASN B 275 -3.82 3.92 -24.52
N GLU B 276 -3.60 2.63 -24.29
CA GLU B 276 -3.01 2.17 -23.02
C GLU B 276 -1.56 2.64 -22.82
N LYS B 277 -0.82 2.75 -23.93
CA LYS B 277 0.55 3.25 -23.86
C LYS B 277 0.58 4.78 -23.88
N PHE B 278 -0.03 5.38 -24.89
CA PHE B 278 0.15 6.81 -25.19
C PHE B 278 -0.84 7.76 -24.50
N ARG B 279 -1.96 7.22 -24.03
CA ARG B 279 -2.90 7.94 -23.16
C ARG B 279 -3.49 9.23 -23.75
N GLY B 280 -3.65 9.25 -25.07
CA GLY B 280 -4.12 10.46 -25.75
C GLY B 280 -5.62 10.66 -25.60
N VAL B 281 -6.00 11.89 -25.29
CA VAL B 281 -7.38 12.37 -25.35
C VAL B 281 -7.41 13.60 -26.27
N ARG B 282 -8.56 13.84 -26.88
CA ARG B 282 -8.76 14.98 -27.76
C ARG B 282 -9.72 15.97 -27.09
N LEU B 283 -9.38 17.26 -27.15
CA LEU B 283 -10.26 18.30 -26.64
C LEU B 283 -10.76 19.09 -27.84
N TYR B 284 -12.07 19.29 -27.91
CA TYR B 284 -12.70 20.16 -28.89
CA TYR B 284 -12.66 20.18 -28.88
C TYR B 284 -13.34 21.30 -28.11
N VAL B 285 -12.88 22.53 -28.32
CA VAL B 285 -13.46 23.66 -27.63
CA VAL B 285 -13.44 23.69 -27.63
C VAL B 285 -14.32 24.47 -28.61
N SER B 286 -15.46 24.94 -28.12
CA SER B 286 -16.42 25.73 -28.89
C SER B 286 -17.14 26.64 -27.90
N GLU B 287 -18.06 27.48 -28.35
CA GLU B 287 -18.66 28.48 -27.46
CA GLU B 287 -18.67 28.49 -27.48
C GLU B 287 -19.26 27.85 -26.22
N ASN B 288 -18.66 28.20 -25.08
CA ASN B 288 -19.07 27.71 -23.76
C ASN B 288 -19.17 26.19 -23.62
N GLN B 289 -18.42 25.46 -24.42
CA GLN B 289 -18.46 24.02 -24.37
C GLN B 289 -17.08 23.41 -24.56
N LEU B 290 -16.85 22.32 -23.83
CA LEU B 290 -15.65 21.50 -23.98
C LEU B 290 -16.16 20.10 -24.22
N LYS B 291 -15.75 19.50 -25.34
CA LYS B 291 -15.99 18.09 -25.60
C LYS B 291 -14.66 17.36 -25.48
N ILE B 292 -14.61 16.34 -24.63
CA ILE B 292 -13.41 15.51 -24.49
C ILE B 292 -13.71 14.13 -25.07
N THR B 293 -12.83 13.64 -25.92
CA THR B 293 -13.00 12.30 -26.46
C THR B 293 -11.74 11.49 -26.29
N ALA B 294 -11.94 10.18 -26.19
CA ALA B 294 -10.85 9.24 -26.20
C ALA B 294 -11.22 8.09 -27.09
N ASN B 295 -10.24 7.54 -27.79
CA ASN B 295 -10.45 6.23 -28.37
C ASN B 295 -9.15 5.47 -28.37
N ASN B 296 -9.29 4.15 -28.38
CA ASN B 296 -8.16 3.27 -28.36
C ASN B 296 -8.10 2.50 -29.69
N PRO B 297 -7.00 1.79 -29.93
CA PRO B 297 -6.88 1.00 -31.16
C PRO B 297 -8.00 -0.05 -31.31
N GLU B 298 -8.60 -0.47 -30.21
CA GLU B 298 -9.72 -1.42 -30.21
C GLU B 298 -11.03 -0.77 -30.68
N GLN B 299 -10.97 0.51 -31.06
CA GLN B 299 -12.11 1.26 -31.58
C GLN B 299 -13.25 1.41 -30.58
N GLU B 300 -12.91 1.42 -29.30
CA GLU B 300 -13.83 1.83 -28.25
C GLU B 300 -13.74 3.34 -28.17
N GLU B 301 -14.78 4.01 -27.67
CA GLU B 301 -14.86 5.46 -27.72
C GLU B 301 -15.50 6.00 -26.47
N ALA B 302 -14.91 7.05 -25.90
CA ALA B 302 -15.51 7.80 -24.80
C ALA B 302 -15.77 9.24 -25.22
N GLU B 303 -16.86 9.83 -24.71
CA GLU B 303 -17.16 11.22 -25.00
C GLU B 303 -17.73 11.88 -23.76
N GLU B 304 -17.18 13.03 -23.41
CA GLU B 304 -17.68 13.82 -22.28
C GLU B 304 -17.94 15.22 -22.79
N ILE B 305 -19.13 15.75 -22.54
CA ILE B 305 -19.43 17.14 -22.85
C ILE B 305 -19.62 17.88 -21.55
N LEU B 306 -19.03 19.06 -21.47
CA LEU B 306 -19.03 19.90 -20.27
C LEU B 306 -19.39 21.34 -20.64
N ASP B 307 -20.16 22.00 -19.78
CA ASP B 307 -20.38 23.43 -19.90
C ASP B 307 -19.16 24.15 -19.33
N VAL B 308 -18.60 25.07 -20.09
CA VAL B 308 -17.46 25.88 -19.66
C VAL B 308 -17.71 27.32 -20.05
N THR B 309 -16.77 28.20 -19.72
CA THR B 309 -16.73 29.57 -20.25
C THR B 309 -15.62 29.69 -21.27
N TYR B 310 -16.00 29.88 -22.53
CA TYR B 310 -15.07 30.02 -23.64
C TYR B 310 -15.75 30.78 -24.77
N SER B 311 -15.07 31.82 -25.29
CA SER B 311 -15.57 32.65 -26.38
CA SER B 311 -15.59 32.61 -26.41
C SER B 311 -14.62 32.71 -27.59
N GLY B 312 -13.51 31.97 -27.52
CA GLY B 312 -12.49 32.00 -28.59
C GLY B 312 -12.88 31.14 -29.78
N ALA B 313 -11.99 31.05 -30.76
CA ALA B 313 -12.27 30.25 -31.96
C ALA B 313 -12.32 28.77 -31.61
N GLU B 314 -13.11 28.02 -32.37
CA GLU B 314 -13.14 26.58 -32.22
C GLU B 314 -11.76 26.02 -32.57
N MET B 315 -11.30 25.08 -31.76
CA MET B 315 -10.07 24.36 -32.08
C MET B 315 -10.09 22.99 -31.43
N GLU B 316 -9.23 22.11 -31.95
CA GLU B 316 -9.09 20.74 -31.49
C GLU B 316 -7.61 20.55 -31.13
N ILE B 317 -7.34 19.86 -30.02
CA ILE B 317 -5.96 19.68 -29.56
C ILE B 317 -5.88 18.40 -28.72
N GLY B 318 -4.79 17.64 -28.87
CA GLY B 318 -4.60 16.40 -28.15
C GLY B 318 -3.56 16.52 -27.05
N PHE B 319 -3.78 15.75 -25.98
CA PHE B 319 -2.89 15.70 -24.82
C PHE B 319 -2.75 14.30 -24.26
N ASN B 320 -1.59 14.06 -23.66
CA ASN B 320 -1.43 12.96 -22.75
C ASN B 320 -2.29 13.27 -21.53
N VAL B 321 -3.30 12.42 -21.30
CA VAL B 321 -4.29 12.70 -20.26
C VAL B 321 -3.69 12.61 -18.86
N SER B 322 -2.62 11.83 -18.69
CA SER B 322 -1.96 11.74 -17.38
CA SER B 322 -1.94 11.74 -17.38
C SER B 322 -1.31 13.07 -16.98
N TYR B 323 -0.74 13.80 -17.95
CA TYR B 323 -0.14 15.11 -17.68
C TYR B 323 -1.21 16.09 -17.24
N VAL B 324 -2.38 16.01 -17.89
CA VAL B 324 -3.47 16.92 -17.53
C VAL B 324 -4.00 16.60 -16.13
N LEU B 325 -4.25 15.32 -15.85
CA LEU B 325 -4.71 14.89 -14.53
C LEU B 325 -3.73 15.25 -13.42
N ASP B 326 -2.43 15.10 -13.67
CA ASP B 326 -1.37 15.51 -12.70
C ASP B 326 -1.52 16.98 -12.30
N VAL B 327 -1.74 17.85 -13.29
CA VAL B 327 -1.95 19.29 -13.03
C VAL B 327 -3.21 19.55 -12.19
N LEU B 328 -4.33 18.97 -12.62
CA LEU B 328 -5.62 19.17 -11.95
C LEU B 328 -5.56 18.68 -10.50
N ASN B 329 -4.87 17.56 -10.28
CA ASN B 329 -4.71 17.01 -8.93
C ASN B 329 -3.82 17.89 -8.04
N ALA B 330 -2.88 18.60 -8.65
CA ALA B 330 -2.01 19.53 -7.93
C ALA B 330 -2.65 20.89 -7.65
N LEU B 331 -3.68 21.26 -8.40
CA LEU B 331 -4.31 22.57 -8.19
C LEU B 331 -5.24 22.58 -6.98
N LYS B 332 -6.01 21.51 -6.80
CA LYS B 332 -6.93 21.37 -5.66
C LYS B 332 -7.79 22.63 -5.44
N CYS B 333 -8.21 23.28 -6.51
CA CYS B 333 -8.92 24.55 -6.39
C CYS B 333 -10.33 24.45 -6.97
N GLU B 334 -11.09 25.53 -6.88
CA GLU B 334 -12.49 25.55 -7.34
C GLU B 334 -12.59 25.55 -8.86
N ASN B 335 -11.91 26.49 -9.50
CA ASN B 335 -11.93 26.66 -10.95
C ASN B 335 -10.54 26.71 -11.58
N VAL B 336 -10.45 26.23 -12.81
CA VAL B 336 -9.20 26.22 -13.54
C VAL B 336 -9.32 27.10 -14.79
N ARG B 337 -8.23 27.77 -15.15
CA ARG B 337 -8.14 28.49 -16.41
C ARG B 337 -7.13 27.81 -17.30
N MET B 338 -7.52 27.52 -18.54
CA MET B 338 -6.61 26.97 -19.55
C MET B 338 -6.41 28.02 -20.63
N MET B 339 -5.17 28.22 -21.04
CA MET B 339 -4.80 29.27 -21.98
C MET B 339 -4.21 28.61 -23.22
N LEU B 340 -4.91 28.74 -24.34
CA LEU B 340 -4.56 28.01 -25.56
C LEU B 340 -4.16 28.96 -26.69
N THR B 341 -3.48 28.41 -27.68
CA THR B 341 -3.07 29.15 -28.86
C THR B 341 -3.57 28.42 -30.12
N ASP B 342 -3.01 27.25 -30.39
CA ASP B 342 -3.41 26.43 -31.55
C ASP B 342 -3.10 24.96 -31.30
N SER B 343 -3.45 24.09 -32.25
CA SER B 343 -3.30 22.63 -32.08
C SER B 343 -1.85 22.11 -32.00
N VAL B 344 -0.86 22.95 -32.34
CA VAL B 344 0.54 22.51 -32.31
C VAL B 344 1.37 23.22 -31.23
N SER B 345 0.72 23.90 -30.29
CA SER B 345 1.40 24.67 -29.25
C SER B 345 0.96 24.24 -27.85
N SER B 346 1.82 24.46 -26.86
CA SER B 346 1.54 24.13 -25.46
C SER B 346 0.31 24.88 -24.94
N VAL B 347 -0.33 24.31 -23.92
CA VAL B 347 -1.38 24.97 -23.15
C VAL B 347 -0.79 25.39 -21.81
N GLN B 348 -1.27 26.53 -21.30
CA GLN B 348 -0.93 26.96 -19.95
C GLN B 348 -2.15 26.83 -19.08
N ILE B 349 -1.98 26.20 -17.92
CA ILE B 349 -3.06 25.92 -17.02
C ILE B 349 -2.72 26.53 -15.68
N GLU B 350 -3.70 27.18 -15.07
CA GLU B 350 -3.55 27.83 -13.76
C GLU B 350 -4.84 27.71 -12.96
N ASP B 351 -4.72 27.86 -11.65
CA ASP B 351 -5.91 28.06 -10.82
C ASP B 351 -6.55 29.35 -11.32
N ALA B 352 -7.86 29.35 -11.54
CA ALA B 352 -8.56 30.57 -11.97
C ALA B 352 -8.33 31.71 -10.99
N ALA B 353 -8.25 31.37 -9.71
CA ALA B 353 -8.09 32.36 -8.63
C ALA B 353 -6.69 32.95 -8.45
N SER B 354 -5.65 32.36 -9.05
CA SER B 354 -4.29 32.80 -8.75
C SER B 354 -3.27 32.46 -9.82
N GLN B 355 -2.32 33.38 -10.04
CA GLN B 355 -1.23 33.17 -10.98
C GLN B 355 0.06 32.72 -10.28
N SER B 356 -0.02 32.35 -8.99
CA SER B 356 1.17 31.96 -8.23
C SER B 356 1.79 30.65 -8.72
N ALA B 357 0.97 29.74 -9.24
CA ALA B 357 1.48 28.53 -9.90
C ALA B 357 1.04 28.51 -11.36
N ALA B 358 1.90 28.01 -12.24
CA ALA B 358 1.55 27.86 -13.66
C ALA B 358 2.08 26.55 -14.20
N TYR B 359 1.33 25.93 -15.11
CA TYR B 359 1.70 24.64 -15.71
C TYR B 359 1.64 24.73 -17.23
N VAL B 360 2.65 24.18 -17.87
CA VAL B 360 2.76 24.17 -19.33
C VAL B 360 2.80 22.72 -19.78
N VAL B 361 1.89 22.33 -20.66
CA VAL B 361 1.82 20.96 -21.15
C VAL B 361 1.88 21.00 -22.67
N MET B 362 2.82 20.26 -23.25
CA MET B 362 2.95 20.22 -24.71
C MET B 362 1.85 19.34 -25.25
N PRO B 363 1.36 19.65 -26.46
CA PRO B 363 0.33 18.84 -27.10
C PRO B 363 0.91 17.53 -27.62
N MET B 364 0.01 16.62 -28.00
CA MET B 364 0.40 15.31 -28.48
CA MET B 364 0.43 15.33 -28.50
C MET B 364 -0.18 15.07 -29.88
N ARG B 365 0.62 14.48 -30.76
CA ARG B 365 0.20 14.20 -32.14
C ARG B 365 -1.06 13.34 -32.20
#